data_3ODA
#
_entry.id   3ODA
#
_cell.length_a   62.812
_cell.length_b   107.334
_cell.length_c   86.998
_cell.angle_alpha   90.000
_cell.angle_beta   100.610
_cell.angle_gamma   90.000
#
_symmetry.space_group_name_H-M   'P 1 21 1'
#
loop_
_entity.id
_entity.type
_entity.pdbx_description
1 polymer 'Poly [ADP-ribose] polymerase 1'
2 polymer "5'-D(*GP*CP*CP*TP*GP*CP*AP*GP*GP*C)-3'"
3 non-polymer 'ZINC ION'
4 water water
#
loop_
_entity_poly.entity_id
_entity_poly.type
_entity_poly.pdbx_seq_one_letter_code
_entity_poly.pdbx_strand_id
1 'polypeptide(L)'
;MGSSHHHHHHSSGLVPRGSHMAESSDKLYRVEYAKSGRASCKKCSESIPKDSLRMAIMVQSPMFDGKVPHWYHFSCFWKV
GHSIRHPDVEVDGFSELRWDDQQKVKKTAEAGGVTG
;
A,B,C,D,E,F,G,H
2 'polydeoxyribonucleotide' (DG)(DC)(DC)(DT)(DG)(DC)(DA)(DG)(DG)(DC) I,J,K,L,M,N,O,P
#
# COMPACT_ATOMS: atom_id res chain seq x y z
N SER A 25 24.20 -32.78 -3.99
CA SER A 25 25.17 -33.86 -3.86
C SER A 25 26.61 -33.36 -4.03
N ASP A 26 27.53 -34.11 -3.44
CA ASP A 26 28.93 -33.78 -3.46
C ASP A 26 29.69 -34.83 -4.26
N LYS A 27 28.95 -35.82 -4.75
CA LYS A 27 29.52 -36.90 -5.55
C LYS A 27 30.07 -36.39 -6.86
N LEU A 28 30.96 -37.19 -7.45
CA LEU A 28 31.72 -36.77 -8.62
C LEU A 28 31.00 -37.12 -9.90
N TYR A 29 30.13 -38.11 -9.84
CA TYR A 29 29.47 -38.58 -11.04
C TYR A 29 27.99 -38.65 -10.80
N ARG A 30 27.24 -38.75 -11.89
CA ARG A 30 25.80 -38.92 -11.82
C ARG A 30 25.33 -39.76 -12.98
N VAL A 31 24.33 -40.59 -12.75
CA VAL A 31 23.72 -41.40 -13.78
C VAL A 31 22.21 -41.31 -13.65
N GLU A 32 21.53 -41.31 -14.78
CA GLU A 32 20.09 -41.12 -14.78
C GLU A 32 19.58 -41.34 -16.19
N TYR A 33 18.28 -41.47 -16.33
CA TYR A 33 17.66 -41.51 -17.64
C TYR A 33 17.47 -40.09 -18.09
N ALA A 34 17.91 -39.78 -19.30
CA ALA A 34 17.95 -38.38 -19.77
C ALA A 34 16.59 -37.71 -19.60
N LYS A 35 16.58 -36.65 -18.80
CA LYS A 35 15.38 -35.90 -18.53
C LYS A 35 14.81 -35.22 -19.77
N SER A 36 15.67 -34.96 -20.75
CA SER A 36 15.24 -34.50 -22.05
C SER A 36 16.12 -35.10 -23.14
N GLY A 37 15.91 -34.68 -24.39
CA GLY A 37 16.75 -35.12 -25.49
C GLY A 37 17.66 -34.00 -25.95
N ARG A 38 17.76 -32.96 -25.13
CA ARG A 38 18.50 -31.76 -25.49
C ARG A 38 20.00 -31.73 -25.14
N ALA A 39 20.45 -32.53 -24.20
CA ALA A 39 21.87 -32.52 -23.81
C ALA A 39 22.81 -33.08 -24.88
N SER A 40 23.96 -32.45 -25.05
CA SER A 40 24.96 -32.98 -25.95
C SER A 40 26.08 -33.71 -25.21
N CYS A 41 26.52 -34.81 -25.79
CA CYS A 41 27.61 -35.57 -25.25
C CYS A 41 28.89 -34.75 -25.34
N LYS A 42 29.56 -34.55 -24.22
CA LYS A 42 30.82 -33.82 -24.22
C LYS A 42 31.84 -34.47 -25.13
N LYS A 43 31.78 -35.80 -25.25
CA LYS A 43 32.74 -36.50 -26.11
C LYS A 43 32.46 -36.42 -27.62
N CYS A 44 31.30 -36.91 -28.05
CA CYS A 44 31.02 -37.07 -29.48
C CYS A 44 30.13 -35.97 -30.04
N SER A 45 29.58 -35.15 -29.17
CA SER A 45 28.78 -33.99 -29.57
C SER A 45 27.38 -34.23 -30.09
N GLU A 46 26.93 -35.48 -30.12
CA GLU A 46 25.56 -35.73 -30.54
C GLU A 46 24.59 -35.58 -29.37
N SER A 47 23.31 -35.44 -29.67
CA SER A 47 22.28 -35.37 -28.66
C SER A 47 22.17 -36.67 -27.92
N ILE A 48 21.80 -36.57 -26.65
CA ILE A 48 21.50 -37.73 -25.82
C ILE A 48 19.99 -37.84 -25.70
N PRO A 49 19.41 -38.87 -26.32
CA PRO A 49 17.95 -39.05 -26.42
C PRO A 49 17.25 -39.13 -25.08
N LYS A 50 16.04 -38.60 -25.03
CA LYS A 50 15.25 -38.64 -23.80
C LYS A 50 15.15 -40.07 -23.29
N ASP A 51 15.27 -40.23 -21.98
CA ASP A 51 15.09 -41.53 -21.32
C ASP A 51 16.26 -42.50 -21.47
N SER A 52 17.19 -42.22 -22.38
CA SER A 52 18.36 -43.07 -22.51
C SER A 52 19.31 -42.92 -21.30
N LEU A 53 20.12 -43.94 -21.06
CA LEU A 53 20.99 -43.96 -19.91
C LEU A 53 22.21 -43.11 -20.17
N ARG A 54 22.40 -42.08 -19.34
CA ARG A 54 23.48 -41.12 -19.54
C ARG A 54 24.26 -40.88 -18.25
N MET A 55 25.55 -40.61 -18.38
CA MET A 55 26.37 -40.38 -17.19
C MET A 55 27.07 -39.02 -17.23
N ALA A 56 27.21 -38.39 -16.07
CA ALA A 56 27.84 -37.08 -16.02
C ALA A 56 29.03 -37.05 -15.09
N ILE A 57 29.97 -36.18 -15.43
CA ILE A 57 30.99 -35.74 -14.51
C ILE A 57 30.47 -34.42 -13.94
N MET A 58 30.43 -34.28 -12.63
CA MET A 58 29.87 -33.08 -12.02
C MET A 58 30.97 -32.06 -11.77
N VAL A 59 30.82 -30.89 -12.38
CA VAL A 59 31.86 -29.89 -12.32
C VAL A 59 31.33 -28.59 -11.72
N GLN A 60 32.21 -27.87 -11.02
CA GLN A 60 31.84 -26.56 -10.48
C GLN A 60 31.78 -25.55 -11.60
N SER A 61 30.87 -24.59 -11.46
CA SER A 61 30.79 -23.53 -12.44
C SER A 61 31.50 -22.30 -11.89
N PRO A 62 32.15 -21.53 -12.79
CA PRO A 62 32.79 -20.27 -12.43
C PRO A 62 31.78 -19.11 -12.48
N MET A 63 30.72 -19.29 -13.26
CA MET A 63 29.75 -18.24 -13.55
C MET A 63 28.67 -18.11 -12.48
N PHE A 64 28.60 -19.07 -11.57
CA PHE A 64 27.61 -19.06 -10.51
C PHE A 64 27.93 -20.16 -9.52
N ASP A 65 27.33 -20.10 -8.35
CA ASP A 65 27.53 -21.19 -7.42
C ASP A 65 26.71 -22.39 -7.88
N GLY A 66 27.20 -23.58 -7.56
CA GLY A 66 26.52 -24.80 -7.94
C GLY A 66 27.35 -25.68 -8.85
N LYS A 67 27.14 -26.99 -8.71
CA LYS A 67 27.69 -28.00 -9.61
C LYS A 67 26.85 -28.10 -10.89
N VAL A 68 27.49 -28.55 -11.97
CA VAL A 68 26.86 -28.65 -13.27
C VAL A 68 27.35 -29.93 -13.92
N PRO A 69 26.43 -30.72 -14.50
CA PRO A 69 26.81 -31.99 -15.11
C PRO A 69 27.45 -31.79 -16.47
N HIS A 70 28.46 -32.58 -16.79
CA HIS A 70 28.90 -32.72 -18.16
C HIS A 70 28.45 -34.08 -18.62
N TRP A 71 27.45 -34.11 -19.51
CA TRP A 71 26.80 -35.37 -19.90
C TRP A 71 27.52 -36.09 -21.02
N TYR A 72 27.44 -37.42 -20.96
CA TYR A 72 28.00 -38.28 -21.98
C TYR A 72 26.98 -39.37 -22.28
N HIS A 73 27.00 -39.87 -23.50
CA HIS A 73 26.36 -41.14 -23.76
C HIS A 73 27.01 -42.15 -22.81
N PHE A 74 26.25 -43.15 -22.38
CA PHE A 74 26.81 -44.20 -21.55
C PHE A 74 28.15 -44.73 -22.10
N SER A 75 28.17 -45.11 -23.37
CA SER A 75 29.40 -45.69 -23.91
C SER A 75 30.49 -44.64 -23.95
N CYS A 76 30.12 -43.44 -24.41
CA CYS A 76 31.07 -42.35 -24.50
C CYS A 76 31.72 -42.07 -23.14
N PHE A 77 30.92 -42.13 -22.09
CA PHE A 77 31.43 -41.89 -20.75
C PHE A 77 32.59 -42.81 -20.39
N TRP A 78 32.47 -44.08 -20.73
CA TRP A 78 33.46 -45.04 -20.31
C TRP A 78 34.73 -44.97 -21.15
N LYS A 79 34.59 -44.62 -22.43
CA LYS A 79 35.75 -44.44 -23.26
C LYS A 79 36.75 -43.44 -22.69
N VAL A 80 36.26 -42.38 -22.05
CA VAL A 80 37.18 -41.30 -21.69
C VAL A 80 37.98 -41.60 -20.44
N GLY A 81 37.86 -42.83 -19.92
CA GLY A 81 38.72 -43.31 -18.84
C GLY A 81 38.27 -43.03 -17.41
N HIS A 82 37.96 -44.08 -16.64
CA HIS A 82 37.43 -43.89 -15.28
C HIS A 82 37.73 -45.02 -14.27
N SER A 83 38.29 -44.64 -13.13
CA SER A 83 38.60 -45.58 -12.06
C SER A 83 37.54 -45.54 -10.96
N ILE A 84 36.29 -45.84 -11.31
CA ILE A 84 35.21 -45.90 -10.32
C ILE A 84 35.11 -47.27 -9.64
N ARG A 85 35.50 -47.34 -8.37
CA ARG A 85 35.54 -48.61 -7.64
C ARG A 85 34.15 -49.14 -7.33
N HIS A 86 33.42 -48.37 -6.53
CA HIS A 86 32.06 -48.73 -6.10
C HIS A 86 31.00 -47.79 -6.65
N PRO A 87 30.46 -48.12 -7.82
CA PRO A 87 29.49 -47.29 -8.51
C PRO A 87 28.35 -46.93 -7.60
N ASP A 88 27.87 -47.89 -6.83
CA ASP A 88 26.73 -47.71 -5.94
C ASP A 88 26.90 -46.53 -4.97
N VAL A 89 28.13 -46.23 -4.59
CA VAL A 89 28.36 -45.15 -3.62
C VAL A 89 28.93 -43.88 -4.26
N GLU A 90 29.72 -44.04 -5.32
CA GLU A 90 30.40 -42.91 -5.96
C GLU A 90 29.52 -42.15 -6.97
N VAL A 91 28.58 -42.85 -7.59
CA VAL A 91 27.74 -42.27 -8.62
C VAL A 91 26.36 -41.89 -8.12
N ASP A 92 26.11 -40.60 -8.00
CA ASP A 92 24.81 -40.09 -7.60
C ASP A 92 23.69 -40.55 -8.57
N GLY A 93 22.57 -41.00 -8.02
CA GLY A 93 21.44 -41.46 -8.81
C GLY A 93 21.50 -42.93 -9.17
N PHE A 94 22.51 -43.64 -8.67
CA PHE A 94 22.69 -45.06 -9.00
C PHE A 94 21.50 -45.88 -8.52
N SER A 95 21.05 -45.59 -7.30
CA SER A 95 19.97 -46.34 -6.69
C SER A 95 18.63 -46.23 -7.43
N GLU A 96 18.36 -45.05 -8.00
CA GLU A 96 17.10 -44.83 -8.72
C GLU A 96 17.09 -45.44 -10.12
N LEU A 97 18.10 -46.22 -10.46
CA LEU A 97 18.11 -46.86 -11.77
C LEU A 97 17.33 -48.16 -11.72
N ARG A 98 16.78 -48.55 -12.85
CA ARG A 98 16.22 -49.88 -12.98
C ARG A 98 17.33 -50.86 -12.64
N TRP A 99 16.95 -51.98 -12.04
CA TRP A 99 17.92 -52.92 -11.51
C TRP A 99 18.93 -53.38 -12.55
N ASP A 100 18.44 -53.84 -13.69
CA ASP A 100 19.35 -54.36 -14.72
C ASP A 100 20.33 -53.32 -15.25
N ASP A 101 20.01 -52.04 -15.08
CA ASP A 101 20.91 -50.97 -15.48
C ASP A 101 21.96 -50.75 -14.41
N GLN A 102 21.53 -50.86 -13.15
CA GLN A 102 22.44 -50.86 -12.03
C GLN A 102 23.52 -51.93 -12.23
N GLN A 103 23.14 -53.02 -12.88
CA GLN A 103 24.09 -54.07 -13.13
C GLN A 103 25.00 -53.68 -14.28
N LYS A 104 24.41 -53.17 -15.35
CA LYS A 104 25.16 -52.73 -16.52
C LYS A 104 26.25 -51.75 -16.07
N VAL A 105 25.91 -50.90 -15.11
CA VAL A 105 26.87 -49.93 -14.60
C VAL A 105 28.00 -50.63 -13.84
N LYS A 106 27.66 -51.52 -12.91
CA LYS A 106 28.66 -52.28 -12.19
C LYS A 106 29.56 -53.10 -13.10
N LYS A 107 28.97 -53.91 -13.97
CA LYS A 107 29.77 -54.71 -14.87
C LYS A 107 30.75 -53.83 -15.63
N THR A 108 30.30 -52.63 -16.02
CA THR A 108 31.12 -51.77 -16.87
C THR A 108 32.23 -51.09 -16.09
N ALA A 109 31.92 -50.61 -14.91
CA ALA A 109 32.92 -49.98 -14.05
C ALA A 109 34.02 -50.97 -13.70
N GLU A 110 33.60 -52.14 -13.24
CA GLU A 110 34.51 -53.20 -12.84
C GLU A 110 35.41 -53.65 -13.98
N ALA A 111 34.90 -53.59 -15.20
CA ALA A 111 35.70 -53.92 -16.37
C ALA A 111 36.93 -53.02 -16.46
N ASP B 26 -13.79 -33.70 -31.31
CA ASP B 26 -14.89 -32.82 -31.68
C ASP B 26 -16.02 -32.77 -30.67
N LYS B 27 -15.82 -33.38 -29.51
CA LYS B 27 -16.85 -33.29 -28.50
C LYS B 27 -16.83 -31.88 -27.92
N LEU B 28 -17.99 -31.44 -27.46
CA LEU B 28 -18.17 -30.08 -27.01
C LEU B 28 -17.63 -29.85 -25.59
N TYR B 29 -17.48 -30.92 -24.81
CA TYR B 29 -17.02 -30.79 -23.45
C TYR B 29 -15.81 -31.66 -23.17
N ARG B 30 -15.03 -31.27 -22.16
CA ARG B 30 -13.92 -32.08 -21.67
C ARG B 30 -13.92 -32.09 -20.15
N VAL B 31 -13.54 -33.23 -19.57
CA VAL B 31 -13.38 -33.37 -18.14
C VAL B 31 -11.99 -34.05 -17.91
N GLU B 32 -11.29 -33.65 -16.87
CA GLU B 32 -9.97 -34.18 -16.59
C GLU B 32 -9.52 -33.71 -15.24
N TYR B 33 -8.47 -34.32 -14.70
CA TYR B 33 -7.86 -33.81 -13.51
C TYR B 33 -6.89 -32.71 -13.93
N ALA B 34 -6.98 -31.55 -13.27
CA ALA B 34 -6.29 -30.36 -13.73
C ALA B 34 -4.80 -30.59 -13.94
N LYS B 35 -4.34 -30.32 -15.14
CA LYS B 35 -2.94 -30.52 -15.48
C LYS B 35 -2.02 -29.51 -14.79
N SER B 36 -2.60 -28.43 -14.30
CA SER B 36 -1.84 -27.44 -13.53
C SER B 36 -2.81 -26.77 -12.57
N GLY B 37 -2.29 -25.84 -11.77
CA GLY B 37 -3.12 -25.12 -10.84
C GLY B 37 -3.34 -23.70 -11.31
N ARG B 38 -2.97 -23.41 -12.55
CA ARG B 38 -3.00 -22.03 -13.05
C ARG B 38 -4.33 -21.61 -13.68
N ALA B 39 -5.19 -22.56 -14.05
CA ALA B 39 -6.41 -22.17 -14.76
C ALA B 39 -7.39 -21.54 -13.80
N SER B 40 -8.14 -20.53 -14.27
CA SER B 40 -9.14 -19.90 -13.42
C SER B 40 -10.57 -20.23 -13.86
N CYS B 41 -11.41 -20.51 -12.88
CA CYS B 41 -12.79 -20.89 -13.12
C CYS B 41 -13.54 -19.72 -13.77
N LYS B 42 -14.15 -19.97 -14.91
CA LYS B 42 -14.84 -18.93 -15.62
C LYS B 42 -16.18 -18.59 -14.98
N LYS B 43 -16.56 -19.29 -13.91
CA LYS B 43 -17.71 -18.83 -13.14
C LYS B 43 -17.33 -17.99 -11.92
N CYS B 44 -16.52 -18.55 -11.03
CA CYS B 44 -16.26 -17.94 -9.74
C CYS B 44 -14.95 -17.17 -9.72
N SER B 45 -14.13 -17.39 -10.74
CA SER B 45 -12.84 -16.72 -10.89
C SER B 45 -11.69 -17.28 -10.03
N GLU B 46 -11.99 -18.15 -9.07
CA GLU B 46 -10.92 -18.74 -8.25
C GLU B 46 -10.10 -19.73 -9.07
N SER B 47 -8.86 -19.96 -8.66
CA SER B 47 -8.00 -20.88 -9.39
C SER B 47 -8.46 -22.32 -9.20
N ILE B 48 -8.21 -23.16 -10.21
CA ILE B 48 -8.58 -24.56 -10.17
C ILE B 48 -7.34 -25.37 -9.83
N PRO B 49 -7.33 -26.01 -8.65
CA PRO B 49 -6.14 -26.68 -8.11
C PRO B 49 -5.69 -27.84 -8.97
N LYS B 50 -4.37 -27.95 -9.17
CA LYS B 50 -3.78 -29.10 -9.84
C LYS B 50 -4.38 -30.43 -9.38
N ASP B 51 -4.61 -31.32 -10.33
CA ASP B 51 -5.20 -32.63 -10.07
C ASP B 51 -6.67 -32.65 -9.64
N SER B 52 -7.26 -31.49 -9.40
CA SER B 52 -8.68 -31.49 -9.07
C SER B 52 -9.50 -31.78 -10.32
N LEU B 53 -10.73 -32.25 -10.13
CA LEU B 53 -11.62 -32.56 -11.24
C LEU B 53 -12.22 -31.28 -11.80
N ARG B 54 -11.99 -31.02 -13.08
CA ARG B 54 -12.46 -29.79 -13.69
C ARG B 54 -13.15 -30.09 -15.01
N MET B 55 -14.02 -29.19 -15.44
CA MET B 55 -14.79 -29.40 -16.66
C MET B 55 -14.69 -28.18 -17.56
N ALA B 56 -14.70 -28.43 -18.86
CA ALA B 56 -14.62 -27.34 -19.81
C ALA B 56 -15.70 -27.45 -20.87
N ILE B 57 -16.19 -26.32 -21.32
CA ILE B 57 -16.80 -26.25 -22.64
C ILE B 57 -15.66 -25.93 -23.60
N MET B 58 -15.62 -26.60 -24.75
CA MET B 58 -14.57 -26.38 -25.75
C MET B 58 -15.05 -25.48 -26.87
N VAL B 59 -14.20 -24.54 -27.24
CA VAL B 59 -14.57 -23.54 -28.21
C VAL B 59 -13.51 -23.53 -29.30
N GLN B 60 -13.92 -23.37 -30.55
CA GLN B 60 -12.93 -23.22 -31.63
C GLN B 60 -12.42 -21.80 -31.69
N SER B 61 -11.10 -21.66 -31.78
CA SER B 61 -10.43 -20.38 -31.91
C SER B 61 -10.39 -19.93 -33.36
N PRO B 62 -10.64 -18.65 -33.61
CA PRO B 62 -10.52 -18.19 -35.00
C PRO B 62 -9.12 -17.61 -35.24
N MET B 63 -8.26 -17.70 -34.23
CA MET B 63 -6.92 -17.12 -34.27
C MET B 63 -5.86 -18.15 -34.61
N PHE B 64 -6.24 -19.41 -34.49
CA PHE B 64 -5.37 -20.54 -34.75
C PHE B 64 -6.20 -21.80 -34.75
N ASP B 65 -5.73 -22.83 -35.45
CA ASP B 65 -6.46 -24.09 -35.45
C ASP B 65 -6.32 -24.73 -34.09
N GLY B 66 -7.43 -25.12 -33.50
CA GLY B 66 -7.39 -25.71 -32.18
C GLY B 66 -8.41 -25.13 -31.24
N LYS B 67 -8.88 -25.97 -30.33
CA LYS B 67 -9.95 -25.59 -29.45
C LYS B 67 -9.42 -25.02 -28.15
N VAL B 68 -10.06 -23.94 -27.68
CA VAL B 68 -9.77 -23.38 -26.36
C VAL B 68 -10.78 -23.95 -25.36
N PRO B 69 -10.30 -24.40 -24.21
CA PRO B 69 -11.23 -24.77 -23.15
C PRO B 69 -11.55 -23.62 -22.21
N HIS B 70 -12.80 -23.44 -21.88
CA HIS B 70 -13.16 -22.57 -20.78
C HIS B 70 -13.37 -23.49 -19.59
N TRP B 71 -12.47 -23.42 -18.61
CA TRP B 71 -12.46 -24.33 -17.47
C TRP B 71 -13.33 -23.85 -16.33
N TYR B 72 -13.88 -24.81 -15.58
CA TYR B 72 -14.66 -24.55 -14.37
C TYR B 72 -14.32 -25.57 -13.32
N HIS B 73 -14.40 -25.18 -12.05
CA HIS B 73 -14.48 -26.16 -10.98
C HIS B 73 -15.66 -27.07 -11.31
N PHE B 74 -15.60 -28.33 -10.92
CA PHE B 74 -16.68 -29.24 -11.24
C PHE B 74 -18.06 -28.66 -10.94
N SER B 75 -18.25 -28.13 -9.75
CA SER B 75 -19.58 -27.66 -9.37
C SER B 75 -20.00 -26.40 -10.11
N CYS B 76 -19.06 -25.47 -10.29
CA CYS B 76 -19.35 -24.23 -11.01
C CYS B 76 -19.85 -24.50 -12.42
N PHE B 77 -19.31 -25.53 -13.05
CA PHE B 77 -19.67 -25.86 -14.43
C PHE B 77 -21.18 -25.91 -14.63
N TRP B 78 -21.88 -26.43 -13.62
CA TRP B 78 -23.30 -26.68 -13.73
C TRP B 78 -24.12 -25.44 -13.39
N LYS B 79 -23.51 -24.50 -12.67
CA LYS B 79 -24.22 -23.33 -12.18
C LYS B 79 -24.31 -22.20 -13.22
N VAL B 80 -23.74 -22.40 -14.41
CA VAL B 80 -23.75 -21.37 -15.45
C VAL B 80 -24.69 -21.77 -16.59
N GLY B 81 -25.27 -22.96 -16.50
CA GLY B 81 -26.23 -23.33 -17.52
C GLY B 81 -25.67 -24.23 -18.61
N HIS B 82 -24.50 -24.80 -18.34
CA HIS B 82 -24.04 -25.92 -19.15
C HIS B 82 -24.87 -27.15 -18.79
N SER B 83 -25.16 -27.97 -19.79
CA SER B 83 -26.04 -29.11 -19.60
C SER B 83 -25.56 -30.35 -20.36
N ILE B 84 -25.61 -31.50 -19.71
CA ILE B 84 -25.21 -32.76 -20.34
C ILE B 84 -26.13 -33.95 -19.98
N ARG B 85 -26.73 -34.57 -20.99
CA ARG B 85 -27.58 -35.74 -20.73
C ARG B 85 -26.76 -37.02 -20.66
N HIS B 86 -25.86 -37.18 -21.64
CA HIS B 86 -25.07 -38.39 -21.77
C HIS B 86 -23.57 -38.15 -21.70
N PRO B 87 -23.02 -38.07 -20.46
CA PRO B 87 -21.60 -37.81 -20.24
C PRO B 87 -20.71 -38.65 -21.14
N ASP B 88 -20.83 -39.96 -21.00
CA ASP B 88 -20.03 -40.90 -21.77
C ASP B 88 -19.79 -40.43 -23.19
N VAL B 89 -20.86 -39.98 -23.85
CA VAL B 89 -20.77 -39.64 -25.27
C VAL B 89 -20.49 -38.16 -25.55
N GLU B 90 -20.91 -37.28 -24.64
CA GLU B 90 -20.75 -35.85 -24.91
C GLU B 90 -19.46 -35.26 -24.37
N VAL B 91 -18.83 -35.93 -23.41
CA VAL B 91 -17.72 -35.34 -22.70
C VAL B 91 -16.40 -36.07 -22.92
N ASP B 92 -15.50 -35.44 -23.66
CA ASP B 92 -14.18 -36.01 -23.89
C ASP B 92 -13.49 -36.25 -22.54
N GLY B 93 -12.82 -37.39 -22.42
CA GLY B 93 -12.05 -37.69 -21.24
C GLY B 93 -12.85 -38.37 -20.16
N PHE B 94 -14.15 -38.48 -20.34
CA PHE B 94 -15.04 -39.08 -19.34
C PHE B 94 -14.56 -40.47 -18.89
N SER B 95 -14.32 -41.34 -19.86
CA SER B 95 -14.00 -42.72 -19.54
C SER B 95 -12.61 -42.97 -18.95
N GLU B 96 -11.74 -41.97 -18.95
CA GLU B 96 -10.48 -42.05 -18.20
C GLU B 96 -10.59 -41.52 -16.78
N LEU B 97 -11.75 -41.05 -16.37
CA LEU B 97 -11.92 -40.61 -14.99
C LEU B 97 -11.88 -41.82 -14.10
N ARG B 98 -11.52 -41.62 -12.83
CA ARG B 98 -11.68 -42.66 -11.85
C ARG B 98 -13.16 -43.00 -11.81
N TRP B 99 -13.47 -44.22 -11.42
CA TRP B 99 -14.84 -44.70 -11.41
C TRP B 99 -15.79 -43.77 -10.64
N ASP B 100 -15.44 -43.39 -9.42
CA ASP B 100 -16.36 -42.62 -8.58
C ASP B 100 -16.62 -41.26 -9.20
N ASP B 101 -15.61 -40.69 -9.82
CA ASP B 101 -15.79 -39.43 -10.55
C ASP B 101 -16.67 -39.63 -11.80
N GLN B 102 -16.58 -40.82 -12.41
CA GLN B 102 -17.47 -41.14 -13.51
C GLN B 102 -18.92 -41.15 -13.06
N GLN B 103 -19.16 -41.67 -11.86
CA GLN B 103 -20.50 -41.74 -11.31
C GLN B 103 -20.99 -40.35 -10.89
N LYS B 104 -20.12 -39.59 -10.26
CA LYS B 104 -20.42 -38.21 -9.86
C LYS B 104 -20.86 -37.38 -11.05
N VAL B 105 -20.08 -37.42 -12.13
CA VAL B 105 -20.44 -36.72 -13.35
C VAL B 105 -21.77 -37.24 -13.90
N LYS B 106 -21.92 -38.55 -13.92
CA LYS B 106 -23.14 -39.16 -14.48
C LYS B 106 -24.42 -38.74 -13.71
N LYS B 107 -24.33 -38.72 -12.39
CA LYS B 107 -25.46 -38.34 -11.56
C LYS B 107 -25.73 -36.85 -11.56
N THR B 108 -24.67 -36.06 -11.48
CA THR B 108 -24.83 -34.62 -11.54
C THR B 108 -25.47 -34.24 -12.87
N ALA B 109 -25.08 -34.92 -13.94
CA ALA B 109 -25.67 -34.64 -15.25
C ALA B 109 -27.17 -34.92 -15.24
N GLU B 110 -27.56 -36.06 -14.67
CA GLU B 110 -28.97 -36.38 -14.52
C GLU B 110 -29.69 -35.26 -13.74
N ALA B 111 -29.26 -35.02 -12.50
CA ALA B 111 -29.87 -33.99 -11.66
C ALA B 111 -30.05 -32.68 -12.41
N SER C 25 -41.94 -8.52 14.21
CA SER C 25 -42.62 -7.26 13.90
C SER C 25 -43.94 -7.44 13.15
N ASP C 26 -44.80 -6.45 13.31
CA ASP C 26 -46.15 -6.51 12.74
C ASP C 26 -46.34 -5.43 11.68
N LYS C 27 -45.28 -4.70 11.38
CA LYS C 27 -45.38 -3.64 10.40
C LYS C 27 -45.55 -4.18 8.98
N LEU C 28 -46.12 -3.35 8.11
CA LEU C 28 -46.48 -3.76 6.76
C LEU C 28 -45.33 -3.56 5.76
N TYR C 29 -44.44 -2.62 6.08
CA TYR C 29 -43.38 -2.30 5.17
C TYR C 29 -42.03 -2.38 5.88
N ARG C 30 -40.97 -2.36 5.07
CA ARG C 30 -39.61 -2.39 5.59
CA ARG C 30 -39.62 -2.41 5.58
C ARG C 30 -38.74 -1.60 4.64
N VAL C 31 -37.77 -0.89 5.19
CA VAL C 31 -36.78 -0.19 4.37
C VAL C 31 -35.41 -0.42 5.00
N GLU C 32 -34.39 -0.52 4.15
CA GLU C 32 -33.06 -0.82 4.62
C GLU C 32 -32.12 -0.71 3.45
N TYR C 33 -30.83 -0.72 3.72
CA TYR C 33 -29.84 -0.81 2.67
C TYR C 33 -29.68 -2.28 2.34
N ALA C 34 -29.70 -2.62 1.06
CA ALA C 34 -29.74 -4.02 0.66
C ALA C 34 -28.60 -4.80 1.28
N LYS C 35 -28.96 -5.83 2.04
CA LYS C 35 -27.98 -6.64 2.73
C LYS C 35 -27.11 -7.44 1.76
N SER C 36 -27.61 -7.64 0.55
CA SER C 36 -26.83 -8.26 -0.51
C SER C 36 -27.27 -7.63 -1.83
N GLY C 37 -26.74 -8.13 -2.94
CA GLY C 37 -27.15 -7.67 -4.26
C GLY C 37 -27.98 -8.72 -4.97
N ARG C 38 -28.43 -9.73 -4.22
CA ARG C 38 -29.11 -10.89 -4.79
C ARG C 38 -30.65 -10.76 -4.94
N ALA C 39 -31.27 -9.85 -4.19
CA ALA C 39 -32.73 -9.72 -4.28
C ALA C 39 -33.21 -9.14 -5.62
N SER C 40 -34.30 -9.69 -6.15
CA SER C 40 -34.94 -9.12 -7.33
C SER C 40 -36.15 -8.23 -6.99
N CYS C 41 -36.25 -7.12 -7.70
CA CYS C 41 -37.37 -6.25 -7.57
C CYS C 41 -38.63 -6.97 -8.05
N LYS C 42 -39.65 -7.07 -7.20
CA LYS C 42 -40.91 -7.65 -7.61
C LYS C 42 -41.52 -6.93 -8.81
N LYS C 43 -41.30 -5.62 -8.94
CA LYS C 43 -41.83 -4.91 -10.07
C LYS C 43 -41.09 -5.11 -11.41
N CYS C 44 -39.80 -4.75 -11.46
CA CYS C 44 -39.06 -4.71 -12.72
C CYS C 44 -38.17 -5.91 -12.96
N SER C 45 -37.98 -6.72 -11.92
CA SER C 45 -37.25 -7.98 -12.01
C SER C 45 -35.72 -7.90 -12.05
N GLU C 46 -35.16 -6.70 -12.00
CA GLU C 46 -33.72 -6.58 -11.95
C GLU C 46 -33.21 -6.74 -10.52
N SER C 47 -31.92 -7.01 -10.39
CA SER C 47 -31.29 -7.12 -9.10
C SER C 47 -31.30 -5.78 -8.37
N ILE C 48 -31.39 -5.84 -7.05
CA ILE C 48 -31.23 -4.67 -6.19
C ILE C 48 -29.82 -4.73 -5.60
N PRO C 49 -28.95 -3.80 -6.04
CA PRO C 49 -27.53 -3.74 -5.65
C PRO C 49 -27.30 -3.65 -4.16
N LYS C 50 -26.24 -4.28 -3.69
CA LYS C 50 -25.88 -4.24 -2.28
C LYS C 50 -25.80 -2.80 -1.80
N ASP C 51 -26.30 -2.56 -0.59
CA ASP C 51 -26.21 -1.24 0.03
C ASP C 51 -27.18 -0.17 -0.51
N SER C 52 -27.79 -0.42 -1.67
CA SER C 52 -28.77 0.52 -2.20
C SER C 52 -30.05 0.53 -1.37
N LEU C 53 -30.76 1.65 -1.39
CA LEU C 53 -31.98 1.80 -0.59
C LEU C 53 -33.14 1.04 -1.21
N ARG C 54 -33.68 0.09 -0.47
CA ARG C 54 -34.73 -0.79 -0.97
C ARG C 54 -35.91 -0.86 -0.01
N MET C 55 -37.12 -1.01 -0.54
CA MET C 55 -38.30 -1.12 0.32
C MET C 55 -39.08 -2.40 0.07
N ALA C 56 -39.67 -2.93 1.14
CA ALA C 56 -40.41 -4.19 1.05
C ALA C 56 -41.84 -4.09 1.55
N ILE C 57 -42.68 -4.91 0.95
CA ILE C 57 -43.99 -5.18 1.49
C ILE C 57 -43.80 -6.50 2.23
N MET C 58 -44.24 -6.57 3.48
CA MET C 58 -44.03 -7.79 4.26
C MET C 58 -45.26 -8.68 4.17
N VAL C 59 -45.06 -9.92 3.76
CA VAL C 59 -46.20 -10.78 3.50
C VAL C 59 -45.96 -12.16 4.04
N GLN C 60 -47.01 -12.97 4.10
CA GLN C 60 -46.88 -14.34 4.61
C GLN C 60 -46.42 -15.24 3.51
N SER C 61 -45.57 -16.22 3.85
CA SER C 61 -44.97 -17.08 2.86
C SER C 61 -45.86 -18.28 2.54
N PRO C 62 -45.79 -18.74 1.28
CA PRO C 62 -46.43 -20.02 0.93
C PRO C 62 -45.44 -21.18 1.06
N MET C 63 -44.16 -20.86 1.26
CA MET C 63 -43.14 -21.89 1.44
C MET C 63 -43.15 -22.42 2.88
N PHE C 64 -43.29 -21.51 3.84
CA PHE C 64 -43.23 -21.86 5.26
C PHE C 64 -44.10 -20.91 6.06
N ASP C 65 -44.15 -21.06 7.37
CA ASP C 65 -44.99 -20.18 8.21
C ASP C 65 -44.21 -19.03 8.82
N GLY C 66 -44.27 -17.88 8.16
CA GLY C 66 -43.57 -16.71 8.64
C GLY C 66 -43.61 -15.60 7.60
N LYS C 67 -43.36 -14.38 8.05
CA LYS C 67 -43.39 -13.21 7.18
C LYS C 67 -42.16 -13.16 6.30
N VAL C 68 -42.28 -12.52 5.16
CA VAL C 68 -41.24 -12.53 4.12
C VAL C 68 -41.34 -11.26 3.31
N PRO C 69 -40.20 -10.60 3.05
CA PRO C 69 -40.25 -9.32 2.34
C PRO C 69 -40.45 -9.54 0.84
N HIS C 70 -41.22 -8.67 0.20
CA HIS C 70 -41.18 -8.56 -1.24
C HIS C 70 -40.45 -7.28 -1.55
N TRP C 71 -39.22 -7.39 -2.05
CA TRP C 71 -38.36 -6.22 -2.26
C TRP C 71 -38.63 -5.48 -3.56
N TYR C 72 -38.49 -4.17 -3.49
CA TYR C 72 -38.55 -3.32 -4.67
C TYR C 72 -37.35 -2.37 -4.68
N HIS C 73 -36.92 -1.95 -5.85
CA HIS C 73 -36.09 -0.76 -5.91
C HIS C 73 -36.88 0.37 -5.24
N PHE C 74 -36.19 1.33 -4.63
CA PHE C 74 -36.90 2.45 -4.03
C PHE C 74 -37.92 3.06 -5.01
N SER C 75 -37.48 3.42 -6.20
CA SER C 75 -38.42 4.05 -7.13
C SER C 75 -39.55 3.10 -7.52
N CYS C 76 -39.19 1.87 -7.84
CA CYS C 76 -40.17 0.85 -8.18
C CYS C 76 -41.25 0.74 -7.11
N PHE C 77 -40.83 0.80 -5.84
CA PHE C 77 -41.75 0.65 -4.73
C PHE C 77 -42.86 1.68 -4.76
N TRP C 78 -42.51 2.91 -5.12
CA TRP C 78 -43.49 3.97 -5.05
C TRP C 78 -44.41 3.96 -6.25
N LYS C 79 -43.91 3.50 -7.39
CA LYS C 79 -44.76 3.38 -8.57
C LYS C 79 -46.00 2.49 -8.35
N VAL C 80 -45.86 1.40 -7.61
CA VAL C 80 -46.96 0.45 -7.43
C VAL C 80 -48.15 0.99 -6.62
N GLY C 81 -48.01 2.19 -6.02
CA GLY C 81 -49.14 2.91 -5.45
C GLY C 81 -49.35 2.74 -3.96
N HIS C 82 -48.73 3.60 -3.14
CA HIS C 82 -48.81 3.47 -1.69
C HIS C 82 -49.26 4.71 -0.95
N SER C 83 -50.04 4.50 0.09
CA SER C 83 -50.45 5.57 0.98
C SER C 83 -49.85 5.27 2.35
N ILE C 84 -48.71 5.88 2.62
CA ILE C 84 -48.11 5.78 3.94
C ILE C 84 -48.06 7.18 4.57
N ARG C 85 -48.99 7.42 5.48
CA ARG C 85 -49.16 8.72 6.10
C ARG C 85 -47.95 8.98 6.94
N HIS C 86 -47.60 7.97 7.73
CA HIS C 86 -46.53 8.10 8.72
C HIS C 86 -45.41 7.10 8.53
N PRO C 87 -44.45 7.44 7.66
CA PRO C 87 -43.35 6.51 7.37
C PRO C 87 -42.71 6.08 8.68
N ASP C 88 -42.22 7.05 9.44
CA ASP C 88 -41.46 6.80 10.66
C ASP C 88 -42.04 5.70 11.56
N VAL C 89 -43.36 5.52 11.52
CA VAL C 89 -44.00 4.54 12.38
C VAL C 89 -44.46 3.29 11.63
N GLU C 90 -44.84 3.46 10.37
CA GLU C 90 -45.42 2.37 9.57
C GLU C 90 -44.36 1.48 8.92
N VAL C 91 -43.19 2.05 8.63
CA VAL C 91 -42.12 1.34 7.93
C VAL C 91 -41.02 0.87 8.87
N ASP C 92 -40.97 -0.44 9.11
CA ASP C 92 -39.91 -1.03 9.91
C ASP C 92 -38.52 -0.71 9.34
N GLY C 93 -37.59 -0.36 10.22
CA GLY C 93 -36.22 -0.05 9.84
C GLY C 93 -36.02 1.39 9.41
N PHE C 94 -37.06 2.20 9.51
CA PHE C 94 -36.97 3.61 9.12
C PHE C 94 -35.92 4.35 9.95
N SER C 95 -35.93 4.11 11.26
CA SER C 95 -35.02 4.79 12.18
C SER C 95 -33.53 4.51 11.90
N GLU C 96 -33.21 3.28 11.49
CA GLU C 96 -31.83 2.89 11.21
C GLU C 96 -31.30 3.43 9.89
N LEU C 97 -32.04 4.29 9.22
CA LEU C 97 -31.56 4.84 7.96
C LEU C 97 -30.70 6.05 8.25
N ARG C 98 -29.79 6.34 7.34
CA ARG C 98 -29.09 7.62 7.37
C ARG C 98 -30.14 8.71 7.32
N TRP C 99 -29.85 9.82 7.98
CA TRP C 99 -30.84 10.87 8.15
C TRP C 99 -31.42 11.34 6.81
N ASP C 100 -30.54 11.69 5.87
CA ASP C 100 -31.01 12.27 4.60
C ASP C 100 -31.89 11.30 3.79
N ASP C 101 -31.76 10.01 4.08
CA ASP C 101 -32.60 8.99 3.44
C ASP C 101 -33.95 8.95 4.13
N GLN C 102 -33.94 9.10 5.45
CA GLN C 102 -35.17 9.22 6.22
C GLN C 102 -36.00 10.36 5.68
N GLN C 103 -35.32 11.35 5.12
CA GLN C 103 -36.03 12.50 4.56
C GLN C 103 -36.56 12.13 3.19
N LYS C 104 -35.71 11.48 2.40
CA LYS C 104 -36.08 11.06 1.06
C LYS C 104 -37.34 10.21 1.13
N VAL C 105 -37.45 9.40 2.19
CA VAL C 105 -38.61 8.55 2.40
C VAL C 105 -39.86 9.37 2.74
N LYS C 106 -39.73 10.28 3.70
CA LYS C 106 -40.84 11.18 4.04
C LYS C 106 -41.31 12.02 2.85
N LYS C 107 -40.38 12.74 2.22
CA LYS C 107 -40.75 13.55 1.07
C LYS C 107 -41.51 12.73 0.05
N THR C 108 -41.08 11.50 -0.16
CA THR C 108 -41.68 10.66 -1.20
C THR C 108 -43.07 10.15 -0.81
N ALA C 109 -43.20 9.67 0.43
CA ALA C 109 -44.47 9.19 0.93
C ALA C 109 -45.51 10.30 0.88
N GLU C 110 -45.14 11.44 1.43
CA GLU C 110 -46.01 12.60 1.50
C GLU C 110 -46.46 13.05 0.11
N ALA C 111 -45.59 12.89 -0.87
CA ALA C 111 -45.93 13.20 -2.26
C ALA C 111 -47.18 12.43 -2.71
N SER D 25 -1.88 -5.73 3.57
CA SER D 25 -0.48 -5.44 3.83
C SER D 25 0.37 -6.72 3.83
N ASP D 26 1.59 -6.60 3.30
CA ASP D 26 2.54 -7.69 3.37
C ASP D 26 3.45 -7.49 4.58
N LYS D 27 2.83 -7.06 5.67
CA LYS D 27 3.48 -6.97 6.97
C LYS D 27 3.42 -8.33 7.64
N LEU D 28 4.36 -8.58 8.54
CA LEU D 28 4.49 -9.90 9.14
C LEU D 28 3.49 -10.16 10.26
N TYR D 29 2.92 -9.09 10.82
CA TYR D 29 2.00 -9.25 11.94
C TYR D 29 0.68 -8.53 11.70
N ARG D 30 -0.35 -8.98 12.42
CA ARG D 30 -1.64 -8.32 12.37
CA ARG D 30 -1.67 -8.37 12.35
C ARG D 30 -2.26 -8.27 13.76
N VAL D 31 -2.96 -7.19 14.04
CA VAL D 31 -3.65 -6.97 15.30
C VAL D 31 -5.03 -6.43 14.95
N GLU D 32 -6.04 -6.84 15.69
CA GLU D 32 -7.41 -6.48 15.38
C GLU D 32 -8.26 -6.97 16.51
N TYR D 33 -9.51 -6.52 16.56
CA TYR D 33 -10.49 -7.07 17.47
C TYR D 33 -11.12 -8.29 16.82
N ALA D 34 -11.17 -9.39 17.56
CA ALA D 34 -11.48 -10.68 16.98
C ALA D 34 -12.79 -10.64 16.21
N LYS D 35 -12.72 -11.03 14.93
CA LYS D 35 -13.90 -11.04 14.08
C LYS D 35 -14.91 -12.13 14.44
N SER D 36 -14.45 -13.13 15.20
CA SER D 36 -15.34 -14.16 15.71
C SER D 36 -14.78 -14.66 17.03
N GLY D 37 -15.47 -15.61 17.65
CA GLY D 37 -14.99 -16.21 18.87
C GLY D 37 -14.44 -17.59 18.63
N ARG D 38 -14.28 -17.97 17.36
CA ARG D 38 -13.90 -19.32 17.03
C ARG D 38 -12.39 -19.61 16.97
N ALA D 39 -11.56 -18.58 16.82
CA ALA D 39 -10.12 -18.82 16.72
C ALA D 39 -9.54 -19.30 18.04
N SER D 40 -8.58 -20.22 17.99
CA SER D 40 -7.90 -20.65 19.20
C SER D 40 -6.48 -20.15 19.25
N CYS D 41 -6.08 -19.74 20.46
CA CYS D 41 -4.75 -19.21 20.74
C CYS D 41 -3.72 -20.29 20.51
N LYS D 42 -2.74 -20.01 19.68
CA LYS D 42 -1.72 -20.98 19.36
C LYS D 42 -0.71 -21.14 20.48
N LYS D 43 -0.85 -20.36 21.55
CA LYS D 43 -0.03 -20.63 22.71
C LYS D 43 -0.76 -21.46 23.74
N CYS D 44 -1.89 -20.95 24.22
CA CYS D 44 -2.55 -21.54 25.38
C CYS D 44 -3.71 -22.44 24.98
N SER D 45 -4.07 -22.39 23.71
CA SER D 45 -5.14 -23.23 23.17
C SER D 45 -6.59 -22.76 23.48
N GLU D 46 -6.77 -21.85 24.43
CA GLU D 46 -8.11 -21.37 24.74
C GLU D 46 -8.64 -20.54 23.59
N SER D 47 -9.95 -20.43 23.50
CA SER D 47 -10.54 -19.68 22.42
C SER D 47 -10.33 -18.17 22.64
N ILE D 48 -10.29 -17.42 21.55
CA ILE D 48 -10.12 -15.98 21.59
C ILE D 48 -11.48 -15.29 21.38
N PRO D 49 -12.00 -14.65 22.43
CA PRO D 49 -13.38 -14.13 22.43
C PRO D 49 -13.62 -13.07 21.37
N LYS D 50 -14.78 -13.14 20.73
CA LYS D 50 -15.14 -12.13 19.75
C LYS D 50 -14.92 -10.71 20.27
N ASP D 51 -14.42 -9.84 19.41
CA ASP D 51 -14.14 -8.45 19.75
C ASP D 51 -12.96 -8.20 20.70
N SER D 52 -12.40 -9.26 21.27
CA SER D 52 -11.19 -9.09 22.08
C SER D 52 -9.98 -8.77 21.21
N LEU D 53 -8.97 -8.15 21.81
CA LEU D 53 -7.77 -7.76 21.08
C LEU D 53 -6.89 -8.99 20.89
N ARG D 54 -6.60 -9.32 19.64
CA ARG D 54 -5.79 -10.47 19.35
C ARG D 54 -4.66 -10.12 18.37
N MET D 55 -3.57 -10.88 18.40
CA MET D 55 -2.45 -10.66 17.52
C MET D 55 -2.05 -11.91 16.77
N ALA D 56 -1.59 -11.73 15.54
CA ALA D 56 -1.19 -12.85 14.72
C ALA D 56 0.20 -12.62 14.13
N ILE D 57 0.93 -13.71 13.95
CA ILE D 57 2.00 -13.72 12.97
C ILE D 57 1.38 -14.25 11.70
N MET D 58 1.72 -13.61 10.57
CA MET D 58 1.16 -14.00 9.28
C MET D 58 2.12 -14.91 8.56
N VAL D 59 1.59 -16.01 8.09
CA VAL D 59 2.40 -17.00 7.44
C VAL D 59 1.87 -17.26 6.03
N GLN D 60 2.78 -17.34 5.06
CA GLN D 60 2.45 -17.66 3.68
C GLN D 60 2.07 -19.13 3.53
N SER D 61 0.91 -19.37 2.94
CA SER D 61 0.41 -20.73 2.74
C SER D 61 1.01 -21.31 1.48
N PRO D 62 1.34 -22.60 1.50
CA PRO D 62 1.79 -23.24 0.27
C PRO D 62 0.62 -23.91 -0.44
N MET D 63 -0.50 -24.03 0.26
CA MET D 63 -1.69 -24.71 -0.27
C MET D 63 -2.57 -23.81 -1.13
N PHE D 64 -2.49 -22.51 -0.87
CA PHE D 64 -3.35 -21.56 -1.54
C PHE D 64 -2.73 -20.18 -1.46
N ASP D 65 -3.18 -19.30 -2.36
CA ASP D 65 -2.65 -17.95 -2.41
C ASP D 65 -3.17 -17.20 -1.20
N GLY D 66 -2.25 -16.62 -0.42
CA GLY D 66 -2.69 -15.85 0.71
C GLY D 66 -2.06 -16.28 2.01
N LYS D 67 -2.16 -15.40 3.00
CA LYS D 67 -1.49 -15.60 4.26
C LYS D 67 -2.46 -16.21 5.27
N VAL D 68 -1.95 -17.12 6.07
CA VAL D 68 -2.70 -17.65 7.18
C VAL D 68 -2.24 -16.93 8.45
N PRO D 69 -3.19 -16.50 9.29
CA PRO D 69 -2.77 -15.93 10.57
C PRO D 69 -2.70 -17.01 11.65
N HIS D 70 -1.64 -16.98 12.44
CA HIS D 70 -1.64 -17.76 13.66
C HIS D 70 -2.03 -16.77 14.75
N TRP D 71 -3.22 -16.95 15.33
CA TRP D 71 -3.75 -16.00 16.31
C TRP D 71 -3.33 -16.30 17.74
N TYR D 72 -3.18 -15.24 18.53
CA TYR D 72 -2.93 -15.36 19.96
C TYR D 72 -3.76 -14.35 20.74
N HIS D 73 -4.11 -14.69 21.96
CA HIS D 73 -4.57 -13.68 22.89
C HIS D 73 -3.44 -12.66 22.93
N PHE D 74 -3.77 -11.40 23.13
CA PHE D 74 -2.73 -10.39 23.19
C PHE D 74 -1.51 -10.79 24.04
N SER D 75 -1.74 -11.22 25.27
CA SER D 75 -0.61 -11.48 26.16
C SER D 75 0.19 -12.72 25.74
N CYS D 76 -0.52 -13.75 25.28
CA CYS D 76 0.14 -14.97 24.86
C CYS D 76 1.10 -14.72 23.71
N PHE D 77 0.75 -13.78 22.84
CA PHE D 77 1.57 -13.45 21.68
C PHE D 77 3.02 -13.19 22.06
N TRP D 78 3.23 -12.55 23.20
CA TRP D 78 4.56 -12.14 23.62
C TRP D 78 5.30 -13.27 24.34
N LYS D 79 4.55 -14.22 24.86
CA LYS D 79 5.12 -15.29 25.66
C LYS D 79 5.67 -16.45 24.85
N VAL D 80 5.48 -16.47 23.54
CA VAL D 80 5.97 -17.62 22.77
C VAL D 80 7.18 -17.23 22.00
N GLY D 81 7.57 -15.96 22.10
CA GLY D 81 8.80 -15.52 21.47
C GLY D 81 8.65 -14.65 20.23
N HIS D 82 7.42 -14.28 19.89
CA HIS D 82 7.21 -13.31 18.82
C HIS D 82 7.61 -11.95 19.35
N SER D 83 8.16 -11.12 18.47
CA SER D 83 8.66 -9.81 18.90
C SER D 83 8.47 -8.67 17.89
N ILE D 84 8.11 -7.51 18.42
CA ILE D 84 7.87 -6.33 17.61
C ILE D 84 8.58 -5.13 18.19
N ARG D 85 9.39 -4.47 17.36
CA ARG D 85 10.05 -3.23 17.77
C ARG D 85 9.16 -2.03 17.49
N HIS D 86 8.69 -1.93 16.26
CA HIS D 86 7.95 -0.80 15.77
C HIS D 86 6.54 -1.21 15.32
N PRO D 87 5.56 -1.03 16.22
CA PRO D 87 4.17 -1.50 16.03
C PRO D 87 3.53 -0.83 14.84
N ASP D 88 3.60 0.48 14.84
CA ASP D 88 3.04 1.27 13.76
C ASP D 88 3.42 0.72 12.39
N VAL D 89 4.70 0.41 12.21
CA VAL D 89 5.18 -0.01 10.89
C VAL D 89 5.21 -1.51 10.65
N GLU D 90 5.35 -2.30 11.72
CA GLU D 90 5.45 -3.76 11.55
C GLU D 90 4.12 -4.51 11.61
N VAL D 91 3.11 -3.87 12.19
CA VAL D 91 1.88 -4.58 12.50
C VAL D 91 0.68 -4.03 11.75
N ASP D 92 0.22 -4.79 10.77
CA ASP D 92 -0.98 -4.43 10.05
C ASP D 92 -2.14 -4.23 11.02
N GLY D 93 -2.95 -3.19 10.77
CA GLY D 93 -4.12 -2.95 11.57
C GLY D 93 -3.88 -2.13 12.83
N PHE D 94 -2.61 -1.89 13.14
CA PHE D 94 -2.26 -1.13 14.32
C PHE D 94 -3.02 0.19 14.45
N SER D 95 -2.97 1.00 13.40
CA SER D 95 -3.53 2.36 13.45
C SER D 95 -5.07 2.45 13.49
N GLU D 96 -5.74 1.32 13.23
CA GLU D 96 -7.18 1.24 13.43
C GLU D 96 -7.56 0.79 14.84
N LEU D 97 -6.59 0.54 15.70
CA LEU D 97 -6.91 0.15 17.06
C LEU D 97 -7.43 1.36 17.77
N ARG D 98 -8.20 1.14 18.82
CA ARG D 98 -8.56 2.23 19.71
C ARG D 98 -7.28 2.77 20.29
N TRP D 99 -7.30 4.05 20.66
CA TRP D 99 -6.09 4.72 21.15
C TRP D 99 -5.38 3.96 22.28
N ASP D 100 -6.12 3.54 23.30
CA ASP D 100 -5.50 2.93 24.47
C ASP D 100 -4.89 1.58 24.11
N ASP D 101 -5.51 0.86 23.20
CA ASP D 101 -4.92 -0.38 22.69
C ASP D 101 -3.67 -0.09 21.86
N GLN D 102 -3.64 1.03 21.15
CA GLN D 102 -2.44 1.44 20.43
C GLN D 102 -1.30 1.66 21.41
N GLN D 103 -1.59 2.26 22.55
CA GLN D 103 -0.58 2.53 23.56
C GLN D 103 -0.10 1.23 24.20
N LYS D 104 -1.07 0.35 24.49
CA LYS D 104 -0.80 -0.93 25.12
C LYS D 104 0.17 -1.75 24.26
N VAL D 105 -0.16 -1.87 22.98
CA VAL D 105 0.73 -2.54 22.05
C VAL D 105 2.11 -1.88 21.99
N LYS D 106 2.12 -0.56 21.94
CA LYS D 106 3.37 0.16 21.81
C LYS D 106 4.29 -0.05 23.02
N LYS D 107 3.71 0.01 24.21
CA LYS D 107 4.50 -0.18 25.43
C LYS D 107 4.90 -1.63 25.64
N THR D 108 3.98 -2.56 25.37
CA THR D 108 4.30 -3.97 25.52
C THR D 108 5.43 -4.31 24.57
N ALA D 109 5.42 -3.71 23.39
CA ALA D 109 6.46 -3.96 22.42
C ALA D 109 7.81 -3.50 22.96
N GLU D 110 7.84 -2.31 23.52
CA GLU D 110 9.04 -1.81 24.17
C GLU D 110 9.50 -2.79 25.26
N ALA D 111 8.66 -3.02 26.26
CA ALA D 111 9.00 -3.94 27.35
C ALA D 111 9.63 -5.26 26.87
N GLY D 112 9.27 -5.70 25.67
CA GLY D 112 9.53 -7.06 25.25
C GLY D 112 8.44 -7.99 25.77
N GLY D 113 7.52 -7.42 26.56
CA GLY D 113 6.45 -8.20 27.16
C GLY D 113 5.53 -7.38 28.06
N ASP E 26 -16.98 26.47 -9.00
CA ASP E 26 -18.08 27.31 -8.49
C ASP E 26 -18.37 28.54 -9.36
N LYS E 27 -17.36 29.38 -9.58
CA LYS E 27 -17.46 30.47 -10.56
C LYS E 27 -17.57 29.94 -12.00
N LEU E 28 -18.03 30.81 -12.89
CA LEU E 28 -18.34 30.40 -14.26
C LEU E 28 -17.15 30.57 -15.18
N TYR E 29 -16.29 31.50 -14.83
CA TYR E 29 -15.16 31.80 -15.69
C TYR E 29 -13.85 31.69 -14.90
N ARG E 30 -12.74 31.70 -15.64
CA ARG E 30 -11.42 31.69 -15.04
C ARG E 30 -10.48 32.46 -15.96
N VAL E 31 -9.52 33.14 -15.33
CA VAL E 31 -8.47 33.81 -16.09
C VAL E 31 -7.14 33.56 -15.39
N GLU E 32 -6.08 33.45 -16.17
CA GLU E 32 -4.79 33.11 -15.63
C GLU E 32 -3.78 33.19 -16.75
N TYR E 33 -2.51 33.13 -16.40
CA TYR E 33 -1.46 33.05 -17.40
C TYR E 33 -1.31 31.58 -17.70
N ALA E 34 -1.24 31.25 -18.99
CA ALA E 34 -1.26 29.86 -19.41
C ALA E 34 -0.18 29.05 -18.69
N LYS E 35 -0.59 28.04 -17.94
CA LYS E 35 0.32 27.23 -17.18
C LYS E 35 1.22 26.41 -18.10
N SER E 36 0.78 26.20 -19.34
CA SER E 36 1.62 25.59 -20.37
C SER E 36 1.29 26.22 -21.70
N GLY E 37 1.89 25.71 -22.77
CA GLY E 37 1.55 26.16 -24.12
C GLY E 37 0.77 25.10 -24.89
N ARG E 38 0.23 24.12 -24.16
CA ARG E 38 -0.42 22.97 -24.76
C ARG E 38 -1.94 23.12 -25.02
N ALA E 39 -2.62 24.00 -24.29
CA ALA E 39 -4.08 24.16 -24.47
C ALA E 39 -4.45 24.74 -25.83
N SER E 40 -5.53 24.23 -26.40
CA SER E 40 -6.06 24.77 -27.66
C SER E 40 -7.26 25.67 -27.40
N CYS E 41 -7.30 26.77 -28.12
CA CYS E 41 -8.43 27.67 -28.04
C CYS E 41 -9.66 26.96 -28.59
N LYS E 42 -10.72 26.89 -27.79
CA LYS E 42 -11.99 26.33 -28.28
C LYS E 42 -12.50 27.04 -29.53
N LYS E 43 -12.28 28.35 -29.62
CA LYS E 43 -12.74 29.09 -30.80
C LYS E 43 -11.90 28.91 -32.09
N CYS E 44 -10.60 29.24 -32.05
CA CYS E 44 -9.79 29.28 -33.28
C CYS E 44 -8.89 28.08 -33.46
N SER E 45 -8.82 27.22 -32.45
CA SER E 45 -8.08 25.95 -32.51
C SER E 45 -6.55 26.01 -32.47
N GLU E 46 -5.97 27.21 -32.38
CA GLU E 46 -4.52 27.27 -32.19
C GLU E 46 -4.12 27.06 -30.73
N SER E 47 -2.86 26.79 -30.52
CA SER E 47 -2.31 26.69 -29.17
C SER E 47 -2.32 28.04 -28.46
N ILE E 48 -2.49 28.01 -27.15
CA ILE E 48 -2.38 29.19 -26.33
C ILE E 48 -1.03 29.12 -25.64
N PRO E 49 -0.11 30.03 -26.02
CA PRO E 49 1.28 30.08 -25.55
C PRO E 49 1.42 30.15 -24.02
N LYS E 50 2.46 29.51 -23.50
CA LYS E 50 2.75 29.56 -22.06
C LYS E 50 2.81 31.01 -21.59
N ASP E 51 2.23 31.25 -20.41
CA ASP E 51 2.29 32.57 -19.77
C ASP E 51 1.38 33.64 -20.38
N SER E 52 0.84 33.39 -21.58
CA SER E 52 -0.06 34.36 -22.19
C SER E 52 -1.38 34.39 -21.42
N LEU E 53 -2.08 35.52 -21.51
CA LEU E 53 -3.35 35.71 -20.78
C LEU E 53 -4.50 34.96 -21.47
N ARG E 54 -5.11 34.02 -20.75
CA ARG E 54 -6.13 33.17 -21.32
C ARG E 54 -7.35 33.10 -20.42
N MET E 55 -8.53 33.00 -21.02
CA MET E 55 -9.76 32.89 -20.24
C MET E 55 -10.57 31.62 -20.52
N ALA E 56 -11.21 31.09 -19.48
CA ALA E 56 -11.94 29.85 -19.62
C ALA E 56 -13.42 29.97 -19.23
N ILE E 57 -14.24 29.18 -19.89
CA ILE E 57 -15.57 28.90 -19.41
C ILE E 57 -15.46 27.58 -18.64
N MET E 58 -15.93 27.55 -17.40
CA MET E 58 -15.83 26.32 -16.62
C MET E 58 -17.07 25.44 -16.79
N VAL E 59 -16.87 24.21 -17.23
CA VAL E 59 -17.99 23.31 -17.55
C VAL E 59 -17.87 21.91 -16.93
N GLN E 60 -18.97 21.18 -16.85
CA GLN E 60 -18.91 19.83 -16.31
C GLN E 60 -18.28 18.91 -17.33
N SER E 61 -17.72 17.80 -16.88
CA SER E 61 -16.96 16.97 -17.78
C SER E 61 -17.74 15.75 -18.20
N PRO E 62 -17.54 15.34 -19.46
CA PRO E 62 -18.02 14.08 -20.03
C PRO E 62 -17.14 12.90 -19.59
N MET E 63 -15.86 13.16 -19.33
CA MET E 63 -14.93 12.11 -18.92
C MET E 63 -15.29 11.67 -17.52
N PHE E 64 -14.88 12.50 -16.57
CA PHE E 64 -15.00 12.20 -15.17
C PHE E 64 -16.08 13.04 -14.52
N ASP E 65 -16.04 13.13 -13.21
CA ASP E 65 -17.00 13.93 -12.49
C ASP E 65 -16.32 15.11 -11.83
N GLY E 66 -16.34 16.23 -12.54
CA GLY E 66 -15.71 17.44 -12.05
C GLY E 66 -15.78 18.48 -13.13
N LYS E 67 -15.53 19.73 -12.75
CA LYS E 67 -15.55 20.82 -13.71
C LYS E 67 -14.23 20.84 -14.48
N VAL E 68 -14.21 21.56 -15.59
CA VAL E 68 -13.11 21.52 -16.56
C VAL E 68 -13.14 22.81 -17.38
N PRO E 69 -11.98 23.45 -17.57
CA PRO E 69 -11.98 24.72 -18.30
C PRO E 69 -12.08 24.49 -19.79
N HIS E 70 -12.78 25.37 -20.48
CA HIS E 70 -12.66 25.47 -21.93
C HIS E 70 -11.87 26.76 -22.20
N TRP E 71 -10.61 26.62 -22.66
CA TRP E 71 -9.74 27.77 -22.81
C TRP E 71 -9.88 28.49 -24.14
N TYR E 72 -9.74 29.81 -24.08
CA TYR E 72 -9.72 30.65 -25.26
C TYR E 72 -8.55 31.58 -25.14
N HIS E 73 -8.00 31.99 -26.29
CA HIS E 73 -7.18 33.19 -26.31
C HIS E 73 -8.01 34.32 -25.69
N PHE E 74 -7.34 35.28 -25.07
CA PHE E 74 -8.06 36.41 -24.50
C PHE E 74 -9.03 37.04 -25.53
N SER E 75 -8.50 37.39 -26.70
CA SER E 75 -9.35 38.02 -27.71
C SER E 75 -10.48 37.08 -28.13
N CYS E 76 -10.13 35.83 -28.42
CA CYS E 76 -11.08 34.81 -28.81
C CYS E 76 -12.21 34.73 -27.82
N PHE E 77 -11.85 34.82 -26.54
CA PHE E 77 -12.86 34.69 -25.49
C PHE E 77 -13.95 35.72 -25.61
N TRP E 78 -13.56 36.95 -25.91
CA TRP E 78 -14.53 38.03 -25.91
C TRP E 78 -15.38 38.05 -27.18
N LYS E 79 -14.83 37.59 -28.30
CA LYS E 79 -15.62 37.44 -29.53
C LYS E 79 -16.87 36.58 -29.35
N VAL E 80 -16.79 35.54 -28.52
CA VAL E 80 -17.95 34.65 -28.26
C VAL E 80 -18.99 35.26 -27.29
N GLY E 81 -18.78 36.53 -26.92
CA GLY E 81 -19.83 37.37 -26.37
C GLY E 81 -20.29 37.08 -24.95
N HIS E 82 -19.71 37.76 -23.97
CA HIS E 82 -20.10 37.56 -22.58
C HIS E 82 -20.56 38.83 -21.92
N SER E 83 -21.35 38.68 -20.86
CA SER E 83 -21.81 39.81 -20.09
C SER E 83 -21.37 39.61 -18.65
N ILE E 84 -20.14 39.99 -18.38
CA ILE E 84 -19.63 39.88 -17.02
C ILE E 84 -19.59 41.25 -16.37
N ARG E 85 -20.60 41.53 -15.55
CA ARG E 85 -20.74 42.86 -14.99
C ARG E 85 -19.63 43.10 -13.98
N HIS E 86 -19.48 42.14 -13.07
CA HIS E 86 -18.49 42.21 -11.99
C HIS E 86 -17.28 41.31 -12.19
N PRO E 87 -16.35 41.70 -13.10
CA PRO E 87 -15.24 40.79 -13.43
C PRO E 87 -14.64 40.23 -12.16
N ASP E 88 -14.06 41.15 -11.39
CA ASP E 88 -13.40 40.89 -10.11
C ASP E 88 -14.05 39.79 -9.28
N VAL E 89 -15.37 39.64 -9.38
CA VAL E 89 -16.08 38.68 -8.53
C VAL E 89 -16.49 37.43 -9.31
N GLU E 90 -16.80 37.61 -10.60
CA GLU E 90 -17.36 36.52 -11.42
C GLU E 90 -16.27 35.60 -11.99
N VAL E 91 -15.10 36.18 -12.26
CA VAL E 91 -14.00 35.44 -12.87
C VAL E 91 -12.95 34.93 -11.88
N ASP E 92 -12.93 33.63 -11.64
CA ASP E 92 -11.94 33.02 -10.75
C ASP E 92 -10.52 33.31 -11.23
N GLY E 93 -9.64 33.68 -10.30
CA GLY E 93 -8.24 33.96 -10.61
C GLY E 93 -7.98 35.40 -11.05
N PHE E 94 -9.02 36.22 -11.01
CA PHE E 94 -8.89 37.63 -11.38
C PHE E 94 -7.88 38.37 -10.49
N SER E 95 -7.97 38.14 -9.18
CA SER E 95 -7.10 38.80 -8.21
C SER E 95 -5.59 38.51 -8.42
N GLU E 96 -5.27 37.26 -8.78
CA GLU E 96 -3.88 36.85 -8.99
C GLU E 96 -3.28 37.35 -10.30
N LEU E 97 -3.97 38.25 -10.98
CA LEU E 97 -3.41 38.78 -12.23
C LEU E 97 -2.54 39.96 -11.89
N ARG E 98 -1.59 40.24 -12.77
CA ARG E 98 -0.86 41.50 -12.70
C ARG E 98 -1.89 42.62 -12.81
N TRP E 99 -1.63 43.73 -12.13
CA TRP E 99 -2.63 44.79 -12.02
C TRP E 99 -3.11 45.26 -13.38
N ASP E 100 -2.19 45.61 -14.27
CA ASP E 100 -2.55 46.19 -15.57
C ASP E 100 -3.38 45.22 -16.43
N ASP E 101 -3.29 43.93 -16.11
CA ASP E 101 -4.10 42.91 -16.79
C ASP E 101 -5.50 42.89 -16.18
N GLN E 102 -5.56 43.05 -14.86
CA GLN E 102 -6.84 43.19 -14.18
C GLN E 102 -7.64 44.35 -14.78
N GLN E 103 -6.93 45.32 -15.31
CA GLN E 103 -7.56 46.48 -15.92
C GLN E 103 -8.00 46.13 -17.32
N LYS E 104 -7.09 45.50 -18.07
CA LYS E 104 -7.39 45.04 -19.43
C LYS E 104 -8.67 44.19 -19.43
N VAL E 105 -8.84 43.38 -18.38
CA VAL E 105 -10.05 42.57 -18.22
C VAL E 105 -11.30 43.43 -17.96
N LYS E 106 -11.23 44.31 -16.96
CA LYS E 106 -12.34 45.24 -16.71
C LYS E 106 -12.72 46.07 -17.94
N LYS E 107 -11.76 46.80 -18.51
CA LYS E 107 -12.06 47.61 -19.69
C LYS E 107 -12.75 46.80 -20.77
N THR E 108 -12.35 45.54 -20.93
CA THR E 108 -12.88 44.70 -22.01
C THR E 108 -14.26 44.17 -21.70
N ALA E 109 -14.47 43.72 -20.46
CA ALA E 109 -15.80 43.26 -20.02
C ALA E 109 -16.83 44.38 -20.14
N GLU E 110 -16.50 45.53 -19.56
CA GLU E 110 -17.35 46.71 -19.57
C GLU E 110 -17.69 47.17 -20.99
N ALA E 111 -16.76 46.98 -21.92
CA ALA E 111 -17.03 47.32 -23.31
C ALA E 111 -18.25 46.57 -23.85
N SER F 25 26.02 28.26 -18.45
CA SER F 25 27.37 28.70 -18.81
C SER F 25 28.40 27.59 -18.59
N ASP F 26 29.64 27.87 -18.98
CA ASP F 26 30.70 26.87 -18.90
C ASP F 26 31.65 27.08 -17.71
N LYS F 27 31.09 27.51 -16.58
CA LYS F 27 31.79 27.55 -15.32
C LYS F 27 31.76 26.16 -14.70
N LEU F 28 32.72 25.88 -13.83
CA LEU F 28 32.92 24.54 -13.31
C LEU F 28 31.94 24.22 -12.19
N TYR F 29 31.39 25.24 -11.56
CA TYR F 29 30.50 25.03 -10.41
C TYR F 29 29.14 25.70 -10.59
N ARG F 30 28.15 25.21 -9.88
CA ARG F 30 26.85 25.85 -9.86
C ARG F 30 26.26 25.79 -8.46
N VAL F 31 25.57 26.87 -8.10
CA VAL F 31 24.87 27.00 -6.83
C VAL F 31 23.47 27.50 -7.11
N GLU F 32 22.49 26.98 -6.39
CA GLU F 32 21.11 27.35 -6.62
C GLU F 32 20.30 26.79 -5.49
N TYR F 33 19.05 27.21 -5.39
CA TYR F 33 18.10 26.58 -4.47
C TYR F 33 17.51 25.36 -5.17
N ALA F 34 17.53 24.23 -4.47
CA ALA F 34 17.22 22.94 -5.08
C ALA F 34 15.89 22.97 -5.83
N LYS F 35 15.93 22.65 -7.12
CA LYS F 35 14.73 22.66 -7.95
C LYS F 35 13.79 21.52 -7.61
N SER F 36 14.29 20.51 -6.90
CA SER F 36 13.44 19.42 -6.40
C SER F 36 14.03 18.91 -5.10
N GLY F 37 13.37 17.92 -4.51
CA GLY F 37 13.91 17.27 -3.31
C GLY F 37 14.53 15.92 -3.65
N ARG F 38 14.60 15.59 -4.94
CA ARG F 38 15.06 14.26 -5.36
C ARG F 38 16.60 14.04 -5.40
N ALA F 39 17.38 15.09 -5.52
CA ALA F 39 18.81 14.88 -5.73
C ALA F 39 19.47 14.38 -4.46
N SER F 40 20.44 13.48 -4.60
CA SER F 40 21.17 13.00 -3.42
C SER F 40 22.60 13.54 -3.36
N CYS F 41 22.99 13.93 -2.16
CA CYS F 41 24.30 14.50 -1.87
C CYS F 41 25.40 13.49 -2.13
N LYS F 42 26.33 13.86 -3.01
CA LYS F 42 27.37 12.91 -3.39
C LYS F 42 28.38 12.75 -2.29
N LYS F 43 28.23 13.47 -1.19
CA LYS F 43 29.10 13.17 -0.05
C LYS F 43 28.46 12.28 1.01
N CYS F 44 27.31 12.71 1.52
CA CYS F 44 26.69 12.05 2.66
C CYS F 44 25.54 11.14 2.24
N SER F 45 25.16 11.23 0.97
CA SER F 45 24.12 10.35 0.40
C SER F 45 22.67 10.72 0.77
N GLU F 46 22.47 11.58 1.77
CA GLU F 46 21.10 12.02 2.11
C GLU F 46 20.52 12.90 0.99
N SER F 47 19.20 12.95 0.92
CA SER F 47 18.54 13.76 -0.09
C SER F 47 18.68 15.26 0.20
N ILE F 48 18.68 16.06 -0.87
CA ILE F 48 18.83 17.51 -0.76
C ILE F 48 17.44 18.14 -0.91
N PRO F 49 16.93 18.72 0.18
CA PRO F 49 15.55 19.19 0.23
C PRO F 49 15.28 20.30 -0.80
N LYS F 50 14.14 20.22 -1.45
CA LYS F 50 13.69 21.27 -2.36
C LYS F 50 13.88 22.67 -1.75
N ASP F 51 14.31 23.61 -2.60
CA ASP F 51 14.56 25.00 -2.17
C ASP F 51 15.76 25.24 -1.25
N SER F 52 16.37 24.17 -0.74
CA SER F 52 17.59 24.34 0.07
C SER F 52 18.75 24.74 -0.83
N LEU F 53 19.74 25.40 -0.24
CA LEU F 53 20.92 25.84 -0.98
C LEU F 53 21.84 24.64 -1.24
N ARG F 54 22.09 24.36 -2.51
CA ARG F 54 22.95 23.24 -2.87
C ARG F 54 24.02 23.64 -3.87
N MET F 55 25.12 22.90 -3.90
CA MET F 55 26.22 23.24 -4.80
C MET F 55 26.62 22.03 -5.64
N ALA F 56 27.04 22.29 -6.86
CA ALA F 56 27.48 21.23 -7.74
C ALA F 56 28.85 21.49 -8.33
N ILE F 57 29.61 20.43 -8.55
CA ILE F 57 30.66 20.48 -9.55
C ILE F 57 30.03 19.97 -10.85
N MET F 58 30.28 20.67 -11.94
CA MET F 58 29.71 20.34 -13.25
C MET F 58 30.69 19.49 -14.06
N VAL F 59 30.23 18.32 -14.49
CA VAL F 59 31.07 17.42 -15.28
C VAL F 59 30.43 17.21 -16.66
N GLN F 60 31.18 17.52 -17.72
CA GLN F 60 30.80 17.22 -19.11
C GLN F 60 30.52 15.73 -19.33
N SER F 61 29.36 15.38 -19.88
CA SER F 61 29.01 13.96 -20.08
C SER F 61 29.54 13.39 -21.40
N PRO F 62 29.91 12.10 -21.39
CA PRO F 62 30.37 11.41 -22.60
C PRO F 62 29.20 10.80 -23.37
N MET F 63 28.13 10.44 -22.67
CA MET F 63 26.99 9.76 -23.28
C MET F 63 25.98 10.72 -23.91
N PHE F 64 26.19 12.03 -23.78
CA PHE F 64 25.29 13.04 -24.36
C PHE F 64 25.88 14.43 -24.28
N ASP F 65 25.44 15.35 -25.13
CA ASP F 65 25.96 16.70 -25.02
C ASP F 65 25.30 17.35 -23.80
N GLY F 66 26.07 18.15 -23.06
CA GLY F 66 25.56 18.77 -21.86
C GLY F 66 26.29 18.31 -20.61
N LYS F 67 26.28 19.17 -19.60
CA LYS F 67 27.00 18.87 -18.37
C LYS F 67 26.06 18.16 -17.37
N VAL F 68 26.64 17.30 -16.54
CA VAL F 68 25.94 16.69 -15.41
C VAL F 68 26.40 17.36 -14.11
N PRO F 69 25.46 17.68 -13.22
CA PRO F 69 25.92 18.23 -11.94
C PRO F 69 26.02 17.14 -10.90
N HIS F 70 27.11 17.15 -10.15
CA HIS F 70 27.16 16.34 -8.96
C HIS F 70 26.78 17.23 -7.81
N TRP F 71 25.60 17.01 -7.23
CA TRP F 71 25.07 17.90 -6.20
C TRP F 71 25.54 17.54 -4.79
N TYR F 72 25.69 18.57 -3.94
CA TYR F 72 25.95 18.39 -2.53
C TYR F 72 25.11 19.36 -1.72
N HIS F 73 24.74 18.96 -0.51
CA HIS F 73 24.33 19.95 0.48
C HIS F 73 25.42 21.02 0.54
N PHE F 74 25.04 22.24 0.86
CA PHE F 74 26.04 23.29 0.92
C PHE F 74 27.29 22.90 1.71
N SER F 75 27.13 22.40 2.92
CA SER F 75 28.27 22.15 3.78
C SER F 75 29.10 20.96 3.29
N CYS F 76 28.41 19.93 2.80
CA CYS F 76 29.08 18.74 2.30
C CYS F 76 30.02 19.07 1.14
N PHE F 77 29.61 20.02 0.31
CA PHE F 77 30.41 20.42 -0.85
C PHE F 77 31.87 20.66 -0.47
N TRP F 78 32.06 21.29 0.67
CA TRP F 78 33.40 21.72 1.08
C TRP F 78 34.20 20.57 1.73
N LYS F 79 33.51 19.54 2.20
CA LYS F 79 34.15 18.48 2.95
C LYS F 79 34.74 17.39 2.11
N VAL F 80 34.59 17.47 0.79
CA VAL F 80 35.10 16.41 -0.07
C VAL F 80 36.37 16.81 -0.81
N GLY F 81 36.82 18.05 -0.61
CA GLY F 81 38.02 18.53 -1.29
C GLY F 81 37.83 19.51 -2.45
N HIS F 82 36.60 19.96 -2.69
CA HIS F 82 36.38 20.98 -3.72
C HIS F 82 36.81 22.32 -3.16
N SER F 83 37.43 23.11 -4.01
CA SER F 83 37.98 24.38 -3.58
C SER F 83 37.64 25.45 -4.59
N ILE F 84 37.36 26.64 -4.07
CA ILE F 84 37.04 27.79 -4.89
C ILE F 84 37.69 29.06 -4.35
N ARG F 85 38.37 29.78 -5.24
CA ARG F 85 38.98 31.07 -4.88
C ARG F 85 37.99 32.23 -4.97
N HIS F 86 37.38 32.41 -6.14
CA HIS F 86 36.50 33.55 -6.39
C HIS F 86 35.10 33.13 -6.79
N PRO F 87 34.20 33.02 -5.81
CA PRO F 87 32.79 32.61 -5.99
C PRO F 87 32.06 33.32 -7.12
N ASP F 88 31.96 34.64 -7.06
CA ASP F 88 31.33 35.44 -8.11
C ASP F 88 31.66 34.96 -9.53
N VAL F 89 32.94 34.71 -9.78
CA VAL F 89 33.39 34.38 -11.13
C VAL F 89 33.44 32.88 -11.42
N GLU F 90 33.65 32.05 -10.41
CA GLU F 90 33.80 30.62 -10.66
C GLU F 90 32.49 29.84 -10.61
N VAL F 91 31.49 30.39 -9.95
CA VAL F 91 30.29 29.62 -9.64
C VAL F 91 29.06 30.17 -10.33
N ASP F 92 28.56 29.44 -11.32
CA ASP F 92 27.35 29.81 -12.00
C ASP F 92 26.22 29.92 -10.99
N GLY F 93 25.39 30.95 -11.16
CA GLY F 93 24.22 31.12 -10.33
C GLY F 93 24.47 31.88 -9.05
N PHE F 94 25.73 32.19 -8.78
CA PHE F 94 26.10 32.91 -7.56
C PHE F 94 25.28 34.18 -7.37
N SER F 95 25.28 35.02 -8.39
CA SER F 95 24.68 36.36 -8.26
C SER F 95 23.14 36.39 -8.21
N GLU F 96 22.49 35.26 -8.46
CA GLU F 96 21.05 35.16 -8.23
C GLU F 96 20.73 34.62 -6.84
N LEU F 97 21.73 34.35 -6.02
CA LEU F 97 21.45 33.90 -4.67
C LEU F 97 20.92 35.08 -3.87
N ARG F 98 20.18 34.79 -2.81
CA ARG F 98 19.83 35.83 -1.87
C ARG F 98 21.12 36.35 -1.29
N TRP F 99 21.09 37.58 -0.83
CA TRP F 99 22.29 38.28 -0.38
C TRP F 99 23.04 37.50 0.70
N ASP F 100 22.33 37.04 1.71
CA ASP F 100 22.99 36.40 2.83
C ASP F 100 23.65 35.10 2.38
N ASP F 101 23.01 34.39 1.47
CA ASP F 101 23.61 33.20 0.89
C ASP F 101 24.83 33.55 0.04
N GLN F 102 24.81 34.72 -0.61
CA GLN F 102 25.99 35.19 -1.34
C GLN F 102 27.15 35.39 -0.40
N GLN F 103 26.87 35.94 0.78
CA GLN F 103 27.93 36.18 1.75
C GLN F 103 28.43 34.86 2.34
N LYS F 104 27.50 33.94 2.56
CA LYS F 104 27.83 32.66 3.18
C LYS F 104 28.79 31.92 2.28
N VAL F 105 28.44 31.84 1.00
CA VAL F 105 29.31 31.22 0.00
C VAL F 105 30.65 31.93 -0.07
N LYS F 106 30.63 33.26 -0.09
CA LYS F 106 31.86 34.04 -0.19
C LYS F 106 32.80 33.78 1.00
N LYS F 107 32.26 33.75 2.21
CA LYS F 107 33.07 33.53 3.40
C LYS F 107 33.52 32.09 3.54
N THR F 108 32.62 31.16 3.26
CA THR F 108 32.99 29.76 3.33
C THR F 108 34.10 29.45 2.34
N ALA F 109 34.03 30.08 1.17
CA ALA F 109 35.09 29.93 0.17
C ALA F 109 36.42 30.42 0.70
N GLU F 110 36.41 31.60 1.33
CA GLU F 110 37.63 32.12 1.97
C GLU F 110 38.17 31.13 3.00
N ALA F 111 37.33 30.78 3.98
CA ALA F 111 37.73 29.84 5.03
C ALA F 111 38.31 28.55 4.51
N GLY F 112 37.67 27.99 3.48
CA GLY F 112 38.06 26.69 2.93
C GLY F 112 39.50 26.72 2.44
N GLY F 113 40.02 27.95 2.28
CA GLY F 113 41.36 28.17 1.76
C GLY F 113 42.46 28.07 2.81
N VAL F 114 42.10 28.21 4.08
CA VAL F 114 43.07 28.19 5.19
C VAL F 114 43.71 26.82 5.43
N SER G 25 25.06 15.66 33.78
CA SER G 25 25.26 14.22 33.96
C SER G 25 26.73 13.79 33.99
N ASP G 26 27.06 12.97 34.97
CA ASP G 26 28.44 12.55 35.20
C ASP G 26 29.04 11.84 33.99
N LYS G 27 28.20 11.13 33.24
CA LYS G 27 28.70 10.04 32.42
C LYS G 27 29.28 10.48 31.09
N LEU G 28 30.14 9.63 30.54
CA LEU G 28 30.91 9.96 29.35
C LEU G 28 30.21 9.55 28.07
N TYR G 29 29.30 8.59 28.19
CA TYR G 29 28.62 8.07 27.02
C TYR G 29 27.12 8.08 27.23
N ARG G 30 26.38 7.91 26.16
CA ARG G 30 24.93 7.80 26.23
CA ARG G 30 24.93 7.82 26.22
C ARG G 30 24.46 6.89 25.12
N VAL G 31 23.41 6.14 25.39
CA VAL G 31 22.79 5.29 24.38
C VAL G 31 21.29 5.44 24.50
N GLU G 32 20.61 5.40 23.36
CA GLU G 32 19.18 5.62 23.35
C GLU G 32 18.67 5.35 21.95
N TYR G 33 17.35 5.27 21.82
CA TYR G 33 16.76 5.14 20.51
C TYR G 33 16.61 6.56 19.99
N ALA G 34 17.06 6.80 18.76
CA ALA G 34 17.13 8.16 18.24
C ALA G 34 15.78 8.88 18.36
N LYS G 35 15.80 9.98 19.09
CA LYS G 35 14.60 10.76 19.34
C LYS G 35 14.05 11.39 18.09
N SER G 36 14.91 11.55 17.08
CA SER G 36 14.47 11.98 15.75
C SER G 36 15.34 11.30 14.71
N GLY G 37 15.15 11.66 13.45
CA GLY G 37 16.03 11.15 12.41
C GLY G 37 16.93 12.24 11.86
N ARG G 38 17.11 13.31 12.64
CA ARG G 38 17.85 14.49 12.18
CA ARG G 38 17.86 14.47 12.17
C ARG G 38 19.35 14.50 12.55
N ALA G 39 19.75 13.73 13.55
CA ALA G 39 21.16 13.74 13.94
C ALA G 39 22.07 13.12 12.88
N SER G 40 23.28 13.69 12.72
CA SER G 40 24.30 13.09 11.84
C SER G 40 25.37 12.36 12.62
N CYS G 41 25.80 11.23 12.07
CA CYS G 41 26.86 10.47 12.67
C CYS G 41 28.16 11.25 12.54
N LYS G 42 28.83 11.49 13.67
CA LYS G 42 30.10 12.17 13.62
C LYS G 42 31.09 11.43 12.73
N LYS G 43 30.99 10.10 12.66
CA LYS G 43 31.94 9.33 11.85
C LYS G 43 31.67 9.31 10.34
N CYS G 44 30.48 8.85 9.94
CA CYS G 44 30.21 8.64 8.51
C CYS G 44 29.34 9.73 7.89
N SER G 45 28.83 10.63 8.71
CA SER G 45 28.07 11.79 8.23
C SER G 45 26.63 11.55 7.73
N GLU G 46 26.16 10.32 7.73
CA GLU G 46 24.76 10.10 7.35
C GLU G 46 23.82 10.34 8.52
N SER G 47 22.55 10.49 8.21
CA SER G 47 21.54 10.64 9.24
C SER G 47 21.36 9.37 10.06
N ILE G 48 20.99 9.54 11.32
CA ILE G 48 20.68 8.42 12.20
C ILE G 48 19.16 8.34 12.31
N PRO G 49 18.56 7.32 11.71
CA PRO G 49 17.10 7.17 11.62
C PRO G 49 16.41 7.17 12.97
N LYS G 50 15.21 7.74 13.01
CA LYS G 50 14.42 7.80 14.22
C LYS G 50 14.26 6.40 14.81
N ASP G 51 14.36 6.30 16.13
CA ASP G 51 14.17 5.03 16.84
C ASP G 51 15.31 4.01 16.72
N SER G 52 16.25 4.22 15.80
CA SER G 52 17.41 3.34 15.70
C SER G 52 18.33 3.53 16.92
N LEU G 53 19.07 2.47 17.25
CA LEU G 53 20.01 2.49 18.38
C LEU G 53 21.26 3.32 18.07
N ARG G 54 21.45 4.39 18.83
CA ARG G 54 22.55 5.29 18.61
C ARG G 54 23.34 5.55 19.90
N MET G 55 24.65 5.75 19.77
CA MET G 55 25.48 6.05 20.94
C MET G 55 26.25 7.38 20.84
N ALA G 56 26.44 8.04 21.96
CA ALA G 56 27.07 9.35 21.95
C ALA G 56 28.27 9.40 22.87
N ILE G 57 29.20 10.24 22.49
CA ILE G 57 30.23 10.71 23.40
C ILE G 57 29.71 12.06 23.92
N MET G 58 29.69 12.26 25.24
CA MET G 58 29.18 13.51 25.81
C MET G 58 30.32 14.48 25.99
N VAL G 59 30.25 15.63 25.31
CA VAL G 59 31.34 16.57 25.38
C VAL G 59 30.85 17.90 25.85
N GLN G 60 31.75 18.71 26.40
CA GLN G 60 31.37 20.05 26.85
C GLN G 60 31.11 20.94 25.66
N SER G 61 30.13 21.82 25.81
CA SER G 61 29.70 22.67 24.72
C SER G 61 30.47 23.97 24.71
N PRO G 62 30.59 24.61 23.54
CA PRO G 62 31.22 25.93 23.41
C PRO G 62 30.19 27.06 23.52
N MET G 63 28.91 26.73 23.35
CA MET G 63 27.86 27.74 23.35
C MET G 63 27.39 28.05 24.77
N PHE G 64 27.21 27.01 25.56
CA PHE G 64 26.60 27.15 26.87
C PHE G 64 27.31 26.25 27.88
N ASP G 65 26.80 26.21 29.10
CA ASP G 65 27.42 25.40 30.14
C ASP G 65 26.63 24.10 30.34
N GLY G 66 26.97 23.10 29.54
CA GLY G 66 26.36 21.79 29.64
C GLY G 66 27.04 20.82 28.72
N LYS G 67 26.62 19.57 28.83
CA LYS G 67 27.16 18.53 27.98
C LYS G 67 26.28 18.37 26.74
N VAL G 68 26.92 18.07 25.62
CA VAL G 68 26.28 17.93 24.33
C VAL G 68 26.72 16.60 23.74
N PRO G 69 25.78 15.81 23.21
CA PRO G 69 26.15 14.51 22.64
C PRO G 69 26.79 14.63 21.27
N HIS G 70 27.78 13.81 20.99
CA HIS G 70 28.22 13.61 19.63
C HIS G 70 27.72 12.24 19.23
N TRP G 71 26.75 12.19 18.33
CA TRP G 71 26.07 10.93 17.99
C TRP G 71 26.78 10.11 16.93
N TYR G 72 26.70 8.80 17.08
CA TYR G 72 27.19 7.88 16.08
C TYR G 72 26.14 6.83 15.82
N HIS G 73 26.13 6.27 14.62
CA HIS G 73 25.46 4.99 14.42
C HIS G 73 26.08 4.00 15.41
N PHE G 74 25.30 3.03 15.86
CA PHE G 74 25.84 2.04 16.78
C PHE G 74 27.14 1.41 16.27
N SER G 75 27.14 0.95 15.02
CA SER G 75 28.36 0.34 14.51
C SER G 75 29.49 1.37 14.41
N CYS G 76 29.17 2.55 13.88
CA CYS G 76 30.15 3.63 13.74
C CYS G 76 30.81 3.96 15.09
N PHE G 77 30.00 3.93 16.14
CA PHE G 77 30.50 4.26 17.48
C PHE G 77 31.63 3.33 17.90
N TRP G 78 31.46 2.04 17.63
CA TRP G 78 32.45 1.08 18.10
C TRP G 78 33.71 1.09 17.25
N LYS G 79 33.59 1.44 15.97
CA LYS G 79 34.77 1.51 15.11
C LYS G 79 35.80 2.51 15.63
N VAL G 80 35.36 3.61 16.23
CA VAL G 80 36.28 4.71 16.56
C VAL G 80 37.04 4.46 17.86
N GLY G 81 36.85 3.28 18.44
CA GLY G 81 37.71 2.81 19.50
C GLY G 81 37.33 3.23 20.90
N HIS G 82 36.77 2.31 21.69
CA HIS G 82 36.49 2.57 23.10
C HIS G 82 36.80 1.39 23.97
N SER G 83 37.06 1.67 25.23
CA SER G 83 37.28 0.66 26.23
C SER G 83 36.33 0.94 27.36
N ILE G 84 35.10 0.47 27.21
CA ILE G 84 34.08 0.66 28.24
C ILE G 84 33.89 -0.65 29.00
N ARG G 85 34.30 -0.67 30.27
CA ARG G 85 34.35 -1.92 31.02
C ARG G 85 32.98 -2.40 31.47
N HIS G 86 32.23 -1.53 32.12
CA HIS G 86 30.88 -1.86 32.58
C HIS G 86 29.86 -0.92 31.97
N PRO G 87 29.38 -1.23 30.77
CA PRO G 87 28.44 -0.40 30.01
C PRO G 87 27.25 -0.03 30.86
N ASP G 88 26.76 -0.96 31.67
CA ASP G 88 25.62 -0.71 32.53
C ASP G 88 25.79 0.52 33.42
N VAL G 89 27.02 0.82 33.82
CA VAL G 89 27.27 1.93 34.73
C VAL G 89 27.86 3.16 34.03
N GLU G 90 28.67 2.93 33.00
CA GLU G 90 29.40 4.01 32.32
C GLU G 90 28.54 4.75 31.27
N VAL G 91 27.60 4.04 30.67
CA VAL G 91 26.77 4.58 29.59
C VAL G 91 25.38 5.02 30.05
N ASP G 92 25.17 6.32 30.12
CA ASP G 92 23.88 6.87 30.48
C ASP G 92 22.77 6.38 29.55
N GLY G 93 21.64 6.02 30.13
CA GLY G 93 20.50 5.54 29.37
C GLY G 93 20.50 4.06 29.05
N PHE G 94 21.51 3.34 29.57
CA PHE G 94 21.64 1.90 29.31
C PHE G 94 20.43 1.13 29.84
N SER G 95 20.01 1.47 31.05
CA SER G 95 18.89 0.79 31.70
C SER G 95 17.58 0.91 30.93
N GLU G 96 17.32 2.06 30.32
CA GLU G 96 16.09 2.29 29.58
C GLU G 96 16.07 1.64 28.20
N LEU G 97 17.06 0.79 27.90
CA LEU G 97 17.03 0.10 26.62
C LEU G 97 16.21 -1.17 26.73
N ARG G 98 15.67 -1.63 25.61
CA ARG G 98 15.06 -2.95 25.56
C ARG G 98 16.13 -3.93 25.98
N TRP G 99 15.72 -5.01 26.62
CA TRP G 99 16.68 -5.94 27.19
C TRP G 99 17.68 -6.46 26.18
N ASP G 100 17.20 -6.95 25.04
CA ASP G 100 18.09 -7.57 24.06
C ASP G 100 19.12 -6.59 23.48
N ASP G 101 18.83 -5.30 23.58
CA ASP G 101 19.75 -4.26 23.13
C ASP G 101 20.80 -4.03 24.21
N GLN G 102 20.36 -4.06 25.47
CA GLN G 102 21.28 -4.03 26.59
C GLN G 102 22.32 -5.13 26.45
N GLN G 103 21.93 -6.24 25.84
CA GLN G 103 22.86 -7.34 25.65
C GLN G 103 23.77 -7.03 24.50
N LYS G 104 23.18 -6.57 23.40
CA LYS G 104 23.94 -6.19 22.21
C LYS G 104 25.05 -5.20 22.59
N VAL G 105 24.75 -4.32 23.53
CA VAL G 105 25.73 -3.35 24.00
C VAL G 105 26.84 -4.02 24.81
N LYS G 106 26.46 -4.87 25.77
CA LYS G 106 27.45 -5.63 26.54
C LYS G 106 28.34 -6.51 25.68
N LYS G 107 27.73 -7.36 24.86
CA LYS G 107 28.52 -8.23 23.99
C LYS G 107 29.51 -7.41 23.18
N THR G 108 29.10 -6.23 22.72
CA THR G 108 29.94 -5.42 21.83
C THR G 108 31.07 -4.71 22.58
N ALA G 109 30.76 -4.16 23.76
CA ALA G 109 31.76 -3.52 24.58
C ALA G 109 32.84 -4.51 24.96
N GLU G 110 32.40 -5.65 25.50
CA GLU G 110 33.28 -6.71 25.95
C GLU G 110 34.19 -7.20 24.82
N ALA G 111 33.67 -7.20 23.60
CA ALA G 111 34.47 -7.61 22.45
C ALA G 111 35.75 -6.78 22.35
N SER H 25 -9.83 12.61 4.35
CA SER H 25 -11.19 12.14 4.56
C SER H 25 -12.20 13.25 4.27
N ASP H 26 -13.30 12.90 3.61
CA ASP H 26 -14.32 13.88 3.21
C ASP H 26 -15.41 14.08 4.25
N LYS H 27 -15.25 13.48 5.43
CA LYS H 27 -16.29 13.61 6.44
C LYS H 27 -16.28 15.02 6.97
N LEU H 28 -17.44 15.48 7.40
CA LEU H 28 -17.61 16.87 7.77
C LEU H 28 -17.06 17.17 9.17
N TYR H 29 -16.91 16.14 10.00
CA TYR H 29 -16.46 16.34 11.37
C TYR H 29 -15.23 15.48 11.71
N ARG H 30 -14.50 15.91 12.73
CA ARG H 30 -13.36 15.12 13.22
C ARG H 30 -13.31 15.19 14.73
N VAL H 31 -12.92 14.08 15.35
CA VAL H 31 -12.78 13.97 16.79
C VAL H 31 -11.46 13.26 17.04
N GLU H 32 -10.73 13.72 18.04
CA GLU H 32 -9.40 13.19 18.36
C GLU H 32 -8.99 13.74 19.71
N TYR H 33 -7.92 13.18 20.25
CA TYR H 33 -7.28 13.76 21.43
C TYR H 33 -6.31 14.83 20.95
N ALA H 34 -6.45 16.01 21.52
CA ALA H 34 -5.75 17.18 21.03
C ALA H 34 -4.25 16.93 20.81
N LYS H 35 -3.80 17.14 19.57
CA LYS H 35 -2.40 16.95 19.23
C LYS H 35 -1.46 18.00 19.84
N SER H 36 -2.03 19.11 20.29
CA SER H 36 -1.28 20.12 21.04
C SER H 36 -2.23 20.83 21.99
N GLY H 37 -1.70 21.76 22.77
CA GLY H 37 -2.54 22.54 23.64
C GLY H 37 -2.78 23.93 23.08
N ARG H 38 -2.37 24.16 21.84
CA ARG H 38 -2.41 25.51 21.26
C ARG H 38 -3.75 25.93 20.65
N ALA H 39 -4.58 24.97 20.26
CA ALA H 39 -5.81 25.33 19.58
C ALA H 39 -6.82 26.00 20.50
N SER H 40 -7.53 26.99 19.99
CA SER H 40 -8.53 27.65 20.83
C SER H 40 -9.96 27.32 20.40
N CYS H 41 -10.81 27.12 21.41
CA CYS H 41 -12.17 26.70 21.22
C CYS H 41 -12.97 27.81 20.54
N LYS H 42 -13.57 27.50 19.40
CA LYS H 42 -14.27 28.52 18.64
C LYS H 42 -15.61 28.89 19.28
N LYS H 43 -15.96 28.27 20.39
CA LYS H 43 -17.11 28.75 21.14
C LYS H 43 -16.73 29.63 22.33
N CYS H 44 -15.90 29.09 23.22
CA CYS H 44 -15.62 29.75 24.49
C CYS H 44 -14.30 30.52 24.46
N SER H 45 -13.51 30.27 23.42
CA SER H 45 -12.22 30.94 23.25
C SER H 45 -11.08 30.43 24.11
N GLU H 46 -11.36 29.64 25.15
CA GLU H 46 -10.27 29.08 25.98
C GLU H 46 -9.47 28.05 25.17
N SER H 47 -8.23 27.82 25.56
CA SER H 47 -7.39 26.86 24.87
C SER H 47 -7.86 25.44 25.15
N ILE H 48 -7.62 24.56 24.19
CA ILE H 48 -7.97 23.15 24.31
C ILE H 48 -6.73 22.36 24.69
N PRO H 49 -6.70 21.80 25.92
CA PRO H 49 -5.51 21.14 26.47
C PRO H 49 -5.07 19.93 25.66
N LYS H 50 -3.77 19.81 25.44
CA LYS H 50 -3.21 18.63 24.79
C LYS H 50 -3.82 17.32 25.31
N ASP H 51 -4.05 16.39 24.41
CA ASP H 51 -4.60 15.07 24.76
C ASP H 51 -6.07 15.07 25.22
N SER H 52 -6.66 16.25 25.43
CA SER H 52 -8.07 16.28 25.76
C SER H 52 -8.89 15.95 24.51
N LEU H 53 -10.12 15.52 24.72
CA LEU H 53 -11.00 15.15 23.63
C LEU H 53 -11.60 16.40 23.01
N ARG H 54 -11.38 16.59 21.72
CA ARG H 54 -11.85 17.78 21.04
C ARG H 54 -12.54 17.41 19.74
N MET H 55 -13.46 18.25 19.30
CA MET H 55 -14.21 18.00 18.08
C MET H 55 -14.15 19.19 17.14
N ALA H 56 -14.15 18.91 15.84
CA ALA H 56 -14.06 19.94 14.83
C ALA H 56 -15.13 19.77 13.77
N ILE H 57 -15.63 20.89 13.26
CA ILE H 57 -16.26 20.88 11.95
C ILE H 57 -15.14 21.19 10.97
N MET H 58 -15.10 20.46 9.86
CA MET H 58 -14.05 20.64 8.85
C MET H 58 -14.54 21.49 7.69
N VAL H 59 -13.76 22.49 7.31
CA VAL H 59 -14.15 23.39 6.24
C VAL H 59 -13.11 23.38 5.13
N GLN H 60 -13.55 23.46 3.88
CA GLN H 60 -12.60 23.59 2.78
C GLN H 60 -12.10 25.02 2.67
N SER H 61 -10.79 25.16 2.58
CA SER H 61 -10.19 26.46 2.36
C SER H 61 -10.27 26.78 0.88
N PRO H 62 -10.50 28.06 0.56
CA PRO H 62 -10.39 28.45 -0.85
C PRO H 62 -8.98 28.99 -1.11
N MET H 63 -8.24 29.28 -0.06
CA MET H 63 -6.91 29.88 -0.17
C MET H 63 -5.81 28.85 -0.43
N PHE H 64 -6.06 27.61 -0.05
CA PHE H 64 -5.10 26.53 -0.26
C PHE H 64 -5.86 25.21 -0.37
N ASP H 65 -5.16 24.18 -0.82
CA ASP H 65 -5.76 22.86 -0.90
C ASP H 65 -5.71 22.25 0.49
N GLY H 66 -6.84 21.71 0.95
CA GLY H 66 -6.89 21.15 2.29
C GLY H 66 -7.99 21.74 3.17
N LYS H 67 -8.39 20.98 4.18
CA LYS H 67 -9.46 21.39 5.06
C LYS H 67 -8.91 22.02 6.32
N VAL H 68 -9.63 22.99 6.84
CA VAL H 68 -9.28 23.62 8.09
C VAL H 68 -10.26 23.13 9.16
N PRO H 69 -9.74 22.76 10.33
CA PRO H 69 -10.69 22.39 11.38
C PRO H 69 -11.00 23.57 12.27
N HIS H 70 -12.26 23.76 12.58
CA HIS H 70 -12.61 24.66 13.65
C HIS H 70 -12.80 23.80 14.89
N TRP H 71 -11.90 23.94 15.86
CA TRP H 71 -11.88 23.04 17.02
C TRP H 71 -12.73 23.55 18.16
N TYR H 72 -13.31 22.63 18.92
CA TYR H 72 -14.03 22.98 20.14
C TYR H 72 -13.67 21.99 21.23
N HIS H 73 -13.74 22.43 22.49
CA HIS H 73 -13.82 21.47 23.58
C HIS H 73 -15.02 20.57 23.29
N PHE H 74 -14.97 19.33 23.75
CA PHE H 74 -16.05 18.41 23.47
C PHE H 74 -17.43 19.01 23.76
N SER H 75 -17.61 19.62 24.92
CA SER H 75 -18.93 20.07 25.31
C SER H 75 -19.37 21.30 24.52
N CYS H 76 -18.42 22.18 24.24
CA CYS H 76 -18.69 23.42 23.53
C CYS H 76 -19.19 23.10 22.13
N PHE H 77 -18.67 22.03 21.53
CA PHE H 77 -19.05 21.63 20.18
C PHE H 77 -20.57 21.61 20.01
N TRP H 78 -21.27 21.15 21.05
CA TRP H 78 -22.68 20.89 20.95
C TRP H 78 -23.50 22.14 21.22
N LYS H 79 -22.89 23.10 21.91
CA LYS H 79 -23.62 24.30 22.33
C LYS H 79 -23.71 25.40 21.26
N VAL H 80 -23.14 25.17 20.09
CA VAL H 80 -23.11 26.19 19.05
C VAL H 80 -24.00 25.81 17.90
N GLY H 81 -24.82 24.77 18.11
CA GLY H 81 -25.76 24.34 17.09
C GLY H 81 -25.26 23.29 16.11
N HIS H 82 -24.14 22.65 16.43
CA HIS H 82 -23.67 21.53 15.60
C HIS H 82 -24.48 20.27 15.88
N SER H 83 -24.73 19.50 14.83
CA SER H 83 -25.68 18.39 14.91
C SER H 83 -25.13 17.15 14.20
N ILE H 84 -25.02 16.04 14.93
CA ILE H 84 -24.51 14.79 14.38
C ILE H 84 -25.51 13.70 14.66
N ARG H 85 -25.97 13.04 13.60
CA ARG H 85 -26.97 11.96 13.73
C ARG H 85 -26.30 10.62 13.99
N HIS H 86 -25.31 10.31 13.16
CA HIS H 86 -24.58 9.05 13.26
C HIS H 86 -23.08 9.30 13.36
N PRO H 87 -22.56 9.39 14.60
CA PRO H 87 -21.14 9.51 14.93
C PRO H 87 -20.20 8.62 14.10
N ASP H 88 -20.29 7.30 14.27
CA ASP H 88 -19.48 6.33 13.52
C ASP H 88 -19.25 6.71 12.06
N VAL H 89 -20.31 7.11 11.37
CA VAL H 89 -20.21 7.39 9.95
C VAL H 89 -19.93 8.85 9.60
N GLU H 90 -20.37 9.79 10.44
CA GLU H 90 -20.20 11.21 10.11
C GLU H 90 -18.90 11.81 10.62
N VAL H 91 -18.26 11.17 11.59
CA VAL H 91 -17.16 11.80 12.31
C VAL H 91 -15.85 11.04 12.13
N ASP H 92 -14.94 11.66 11.38
CA ASP H 92 -13.63 11.08 11.17
C ASP H 92 -12.94 10.92 12.51
N GLY H 93 -12.27 9.78 12.69
CA GLY H 93 -11.50 9.53 13.88
C GLY H 93 -12.30 8.90 15.00
N PHE H 94 -13.61 8.77 14.80
CA PHE H 94 -14.48 8.23 15.85
C PHE H 94 -13.98 6.90 16.35
N SER H 95 -13.78 5.96 15.43
CA SER H 95 -13.46 4.59 15.80
C SER H 95 -12.06 4.36 16.41
N GLU H 96 -11.20 5.38 16.36
CA GLU H 96 -9.92 5.30 17.09
C GLU H 96 -10.03 5.87 18.49
N LEU H 97 -11.20 6.37 18.88
CA LEU H 97 -11.37 6.88 20.24
C LEU H 97 -11.32 5.72 21.21
N ARG H 98 -10.95 5.99 22.46
CA ARG H 98 -11.14 5.00 23.50
C ARG H 98 -12.60 4.67 23.54
N TRP H 99 -12.89 3.48 24.03
CA TRP H 99 -14.25 2.99 24.03
C TRP H 99 -15.22 3.93 24.74
N ASP H 100 -14.85 4.36 25.94
CA ASP H 100 -15.77 5.16 26.75
C ASP H 100 -16.08 6.49 26.05
N ASP H 101 -15.07 7.07 25.41
CA ASP H 101 -15.23 8.28 24.64
C ASP H 101 -16.10 8.03 23.41
N GLN H 102 -16.00 6.84 22.85
CA GLN H 102 -16.91 6.45 21.77
C GLN H 102 -18.35 6.48 22.25
N GLN H 103 -18.60 6.01 23.45
CA GLN H 103 -19.97 5.97 23.93
C GLN H 103 -20.43 7.35 24.33
N LYS H 104 -19.52 8.15 24.87
CA LYS H 104 -19.83 9.53 25.25
C LYS H 104 -20.29 10.33 24.05
N VAL H 105 -19.53 10.24 22.96
CA VAL H 105 -19.90 10.89 21.72
C VAL H 105 -21.23 10.37 21.19
N LYS H 106 -21.39 9.05 21.20
CA LYS H 106 -22.61 8.44 20.68
C LYS H 106 -23.86 8.90 21.44
N LYS H 107 -23.76 8.97 22.78
CA LYS H 107 -24.90 9.36 23.59
C LYS H 107 -25.16 10.85 23.53
N THR H 108 -24.09 11.63 23.55
CA THR H 108 -24.24 13.08 23.44
C THR H 108 -24.90 13.43 22.11
N ALA H 109 -24.52 12.72 21.06
CA ALA H 109 -25.13 12.92 19.76
C ALA H 109 -26.63 12.63 19.80
N GLU H 110 -27.01 11.52 20.42
CA GLU H 110 -28.41 11.20 20.57
C GLU H 110 -29.13 12.33 21.32
N ALA H 111 -28.65 12.65 22.51
CA ALA H 111 -29.29 13.70 23.31
C ALA H 111 -29.61 14.96 22.48
N GLY H 112 -29.08 15.06 21.27
CA GLY H 112 -29.59 16.01 20.29
C GLY H 112 -28.73 17.23 20.09
#